data_8POT
#
_entry.id   8POT
#
_cell.length_a   89.167
_cell.length_b   76.794
_cell.length_c   90.863
_cell.angle_alpha   90
_cell.angle_beta   102.55
_cell.angle_gamma   90
#
_symmetry.space_group_name_H-M   'P 1 21 1'
#
loop_
_entity.id
_entity.type
_entity.pdbx_description
1 polymer 'Leucine--tRNA ligase'
2 polymer tRNA(leu)
3 non-polymer 1,2-ETHANEDIOL
4 non-polymer "[(1R,3'S,5S,6R,8R)-3'-(aminomethyl)-8-(6-aminopurin-9-yl)-4'-bromanyl-7'-[3-[methyl-(phenylmethyl)amino]propoxy]spiro[2,4,7-trioxa-3$l^{4}-borabicyclo[3.3.0]octane-3,1'-3H-2,1$l^{4}-benzoxaborole]-6-yl]methyl dihydrogen phosphate"
5 water water
#
loop_
_entity_poly.entity_id
_entity_poly.type
_entity_poly.pdbx_seq_one_letter_code
_entity_poly.pdbx_strand_id
1 'polypeptide(L)'
;MGSSHHHHHHSSGLVPRGSHMQEQYRPEEIESKVQLHWDEKRTFEVTEDESKEKYYCLSMLPYPSGRLHMGHVRNYTIGD
VIARYQRMLGKNVLQPIGWDAFGLPAEGAAVKNNTAPAPWTYDNIAYMKNQLKMLGFGYDWSRELATCTPEYYRWEQKFF
TELYKKGLVYKKTSAVNWCPNDQTVLANEQVIDGCCWRCDTKVERKEIPQWFIKITAYADELLNDLDKLDHWPDTVKTMQ
RNWIGRSEGVEITFNVNDYDNTLTVYTTRPDTFMGCTYLAVAAGHPLAQKAAENNPELAAFIDECRNTKVAEAEMATMEK
KGVDTGFKAVHPLTGEEIPVWAANFVLMEYGTGAVMAVPGHDQRDYEFASKYGLNIKPVILAADGSEPDLSQQALTEKGV
LFNSGEFNGLDHEAAFNAIADKLTAMGVGERKVNYRLRDWGVSRQRYWGAPIPMVTLEDGTVMPTPDDQLPVILPEDVVM
DGITSPIKADPEWAKTTVNGMPALRETDTFDTFMESSWYYARYTCPQYKEGMLDSEAANYWLPVDIYIGGIEHAIMHLLY
FRFFHKLMRDAGMVNSDEPAKQLLCQGMVLADAFYYVGENGERNWVSPVDAIVERDEKGRIVKAKDAAGHELVYTGMSKM
SKSKNNGIDPQVMVERYGADTVRLFMMFASPADMTLEWQESGVEGANRFLKRVWKLVYEHTAKGDVAALNVDALTENQKA
LRRDVHKTIAKVTDDIGRRQTFNTAIAAIMELMNKLAKAPTDGEQDRALMQEALLAVVRMLNPFTPHICFTLWQELKGEG
DIDNAPWPVADEKAMVEDSTLVVVQVNGKVRAKITVPVDATEEQVRERAGQEHLVAKYLDGVTVRKVIYVPGKLLNLVVG
;
A
2 'polyribonucleotide'
;GCCCGGAUGGUGGAAUCGGUAGACACAAGGGAUUUAAAAUCCCUCGGCGUUCGCGCUGUGCGGGUUCAAGUCCCGCUCCG
GGUACCA
;
B
#
# COMPACT_ATOMS: atom_id res chain seq x y z
N HIS A 20 -0.45 41.40 21.55
CA HIS A 20 0.96 41.21 21.90
C HIS A 20 1.64 40.16 20.97
N MET A 21 1.39 40.22 19.64
CA MET A 21 1.97 39.25 18.71
C MET A 21 3.50 39.40 18.52
N GLN A 22 4.22 38.27 18.47
CA GLN A 22 5.66 38.22 18.27
C GLN A 22 6.01 38.59 16.84
N GLU A 23 7.09 39.35 16.63
CA GLU A 23 7.48 39.74 15.28
C GLU A 23 8.08 38.57 14.53
N GLN A 24 8.93 37.81 15.20
CA GLN A 24 9.56 36.65 14.56
C GLN A 24 8.76 35.37 14.73
N TYR A 25 8.73 34.55 13.67
CA TYR A 25 8.10 33.25 13.66
C TYR A 25 9.15 32.31 14.24
N ARG A 26 8.87 31.74 15.40
CA ARG A 26 9.80 30.83 16.05
C ARG A 26 9.01 29.60 16.44
N PRO A 27 9.17 28.49 15.67
CA PRO A 27 8.41 27.26 15.96
C PRO A 27 8.69 26.66 17.33
N GLU A 28 9.89 26.87 17.88
CA GLU A 28 10.24 26.39 19.21
C GLU A 28 9.40 27.10 20.33
N GLU A 29 8.82 28.27 20.03
CA GLU A 29 7.96 29.01 20.96
C GLU A 29 6.46 28.74 20.72
N ILE A 30 6.09 28.03 19.65
CA ILE A 30 4.69 27.82 19.27
C ILE A 30 4.24 26.35 19.35
N GLU A 31 5.03 25.43 18.76
CA GLU A 31 4.61 24.06 18.55
C GLU A 31 4.33 23.20 19.79
N SER A 32 5.23 23.12 20.79
CA SER A 32 4.96 22.28 21.97
C SER A 32 3.79 22.79 22.81
N LYS A 33 3.54 24.12 22.82
CA LYS A 33 2.40 24.72 23.52
C LYS A 33 1.12 24.32 22.81
N VAL A 34 1.09 24.40 21.47
CA VAL A 34 -0.07 24.02 20.65
C VAL A 34 -0.32 22.52 20.72
N GLN A 35 0.76 21.71 20.84
CA GLN A 35 0.61 20.27 20.99
C GLN A 35 0.05 19.92 22.37
N LEU A 36 0.55 20.59 23.44
CA LEU A 36 0.07 20.41 24.82
C LEU A 36 -1.42 20.78 24.89
N HIS A 37 -1.82 21.86 24.24
CA HIS A 37 -3.23 22.25 24.17
C HIS A 37 -4.14 21.11 23.62
N TRP A 38 -3.70 20.41 22.54
CA TRP A 38 -4.42 19.28 21.91
C TRP A 38 -4.54 18.11 22.87
N ASP A 39 -3.51 17.87 23.69
CA ASP A 39 -3.59 16.83 24.70
C ASP A 39 -4.56 17.21 25.87
N GLU A 40 -4.50 18.48 26.35
CA GLU A 40 -5.32 18.98 27.47
C GLU A 40 -6.80 19.04 27.09
N LYS A 41 -7.09 19.56 25.88
CA LYS A 41 -8.49 19.66 25.43
C LYS A 41 -9.03 18.39 24.84
N ARG A 42 -8.17 17.34 24.63
CA ARG A 42 -8.57 16.09 23.96
C ARG A 42 -9.25 16.40 22.61
N THR A 43 -8.72 17.42 21.89
CA THR A 43 -9.25 17.94 20.62
C THR A 43 -9.61 16.90 19.59
N PHE A 44 -8.75 15.87 19.43
CA PHE A 44 -8.96 14.89 18.37
C PHE A 44 -9.54 13.58 18.83
N GLU A 45 -10.07 13.51 20.07
CA GLU A 45 -10.73 12.35 20.64
C GLU A 45 -12.18 12.32 20.19
N VAL A 46 -12.60 11.20 19.61
CA VAL A 46 -13.94 11.09 19.03
C VAL A 46 -14.67 9.85 19.54
N THR A 47 -16.00 9.89 19.45
CA THR A 47 -16.87 8.77 19.82
C THR A 47 -17.80 8.43 18.61
N GLU A 48 -18.68 7.44 18.75
CA GLU A 48 -19.61 7.02 17.72
C GLU A 48 -20.88 7.94 17.72
N ASP A 49 -20.71 9.21 17.30
CA ASP A 49 -21.75 10.22 17.23
C ASP A 49 -22.56 10.08 15.95
N GLU A 50 -23.80 9.58 16.07
CA GLU A 50 -24.71 9.39 14.95
C GLU A 50 -25.26 10.69 14.34
N SER A 51 -25.12 11.82 15.04
CA SER A 51 -25.59 13.11 14.50
C SER A 51 -24.59 13.74 13.50
N LYS A 52 -23.38 13.16 13.38
CA LYS A 52 -22.38 13.68 12.46
C LYS A 52 -22.00 12.63 11.43
N GLU A 53 -21.67 13.07 10.23
CA GLU A 53 -21.24 12.15 9.18
C GLU A 53 -19.81 11.77 9.54
N LYS A 54 -19.56 10.47 9.69
CA LYS A 54 -18.23 9.99 10.07
C LYS A 54 -17.22 10.03 8.90
N TYR A 55 -15.94 9.96 9.26
CA TYR A 55 -14.83 9.89 8.34
C TYR A 55 -13.73 9.12 9.07
N TYR A 56 -13.33 7.98 8.55
CA TYR A 56 -12.27 7.15 9.12
C TYR A 56 -11.00 7.27 8.20
N CYS A 57 -10.04 8.08 8.62
CA CYS A 57 -8.80 8.31 7.89
C CYS A 57 -7.72 7.48 8.56
N LEU A 58 -7.19 6.45 7.88
CA LEU A 58 -6.19 5.56 8.47
C LEU A 58 -4.87 5.58 7.72
N SER A 59 -3.75 5.52 8.46
CA SER A 59 -2.39 5.44 7.94
C SER A 59 -1.79 4.16 8.53
N MET A 60 -1.01 3.41 7.73
CA MET A 60 -0.42 2.16 8.21
C MET A 60 0.34 2.35 9.53
N LEU A 61 0.03 1.52 10.53
N LEU A 61 0.03 1.52 10.53
CA LEU A 61 0.60 1.66 11.86
CA LEU A 61 0.60 1.66 11.86
C LEU A 61 2.10 1.43 11.85
C LEU A 61 2.10 1.43 11.85
N PRO A 62 2.86 2.26 12.58
CA PRO A 62 4.32 2.10 12.56
C PRO A 62 4.81 0.91 13.36
N TYR A 63 5.98 0.36 12.97
CA TYR A 63 6.67 -0.68 13.72
C TYR A 63 7.62 0.11 14.66
N PRO A 64 7.63 -0.17 15.99
CA PRO A 64 8.55 0.53 16.91
C PRO A 64 10.04 0.18 16.78
N SER A 65 10.69 0.67 15.74
CA SER A 65 12.10 0.42 15.46
C SER A 65 13.05 1.25 16.33
N GLY A 66 12.59 2.39 16.78
CA GLY A 66 13.38 3.25 17.65
C GLY A 66 13.19 4.70 17.31
N ARG A 67 13.28 5.03 16.01
CA ARG A 67 13.11 6.40 15.54
C ARG A 67 12.29 6.45 14.27
N LEU A 68 11.55 7.54 14.06
CA LEU A 68 10.76 7.72 12.84
C LEU A 68 11.67 7.97 11.65
N HIS A 69 11.23 7.56 10.47
CA HIS A 69 11.98 7.79 9.23
CA HIS A 69 11.97 7.82 9.24
C HIS A 69 11.13 8.72 8.34
N MET A 70 11.74 9.34 7.31
CA MET A 70 11.00 10.24 6.42
C MET A 70 9.78 9.62 5.78
N GLY A 71 9.78 8.31 5.58
CA GLY A 71 8.64 7.61 5.03
C GLY A 71 7.43 7.67 5.95
N HIS A 72 7.67 7.59 7.28
CA HIS A 72 6.60 7.71 8.29
C HIS A 72 6.10 9.16 8.23
N VAL A 73 6.99 10.14 8.16
CA VAL A 73 6.61 11.54 8.11
C VAL A 73 5.74 11.87 6.89
N ARG A 74 6.07 11.30 5.71
CA ARG A 74 5.25 11.54 4.53
C ARG A 74 3.88 10.91 4.66
N ASN A 75 3.82 9.61 5.03
CA ASN A 75 2.58 8.88 5.20
C ASN A 75 1.64 9.58 6.18
N TYR A 76 2.18 9.99 7.35
CA TYR A 76 1.39 10.52 8.43
C TYR A 76 0.98 11.97 8.21
N THR A 77 1.79 12.75 7.46
CA THR A 77 1.40 14.10 7.11
C THR A 77 0.24 14.05 6.14
N ILE A 78 0.28 13.14 5.13
CA ILE A 78 -0.84 12.96 4.21
C ILE A 78 -2.15 12.67 4.95
N GLY A 79 -2.10 11.68 5.85
CA GLY A 79 -3.22 11.31 6.69
C GLY A 79 -3.72 12.44 7.56
N ASP A 80 -2.81 13.25 8.13
CA ASP A 80 -3.20 14.35 9.00
C ASP A 80 -3.84 15.49 8.25
N VAL A 81 -3.40 15.72 7.00
CA VAL A 81 -3.95 16.75 6.13
C VAL A 81 -5.41 16.43 5.85
N ILE A 82 -5.70 15.17 5.53
CA ILE A 82 -7.05 14.70 5.28
C ILE A 82 -7.91 14.74 6.54
N ALA A 83 -7.39 14.21 7.67
CA ALA A 83 -8.13 14.20 8.92
C ALA A 83 -8.47 15.61 9.39
N ARG A 84 -7.53 16.56 9.27
CA ARG A 84 -7.78 17.93 9.70
C ARG A 84 -8.77 18.67 8.82
N TYR A 85 -8.76 18.40 7.50
CA TYR A 85 -9.64 19.03 6.52
C TYR A 85 -11.05 18.48 6.65
N GLN A 86 -11.17 17.16 6.81
CA GLN A 86 -12.47 16.53 6.97
C GLN A 86 -13.16 17.00 8.24
N ARG A 87 -12.37 17.28 9.29
CA ARG A 87 -12.89 17.83 10.53
C ARG A 87 -13.43 19.20 10.29
N MET A 88 -12.71 20.04 9.54
CA MET A 88 -13.11 21.41 9.19
C MET A 88 -14.38 21.45 8.36
N LEU A 89 -14.68 20.39 7.60
CA LEU A 89 -15.91 20.26 6.84
C LEU A 89 -17.13 19.85 7.72
N GLY A 90 -16.91 19.63 9.01
CA GLY A 90 -17.97 19.24 9.92
C GLY A 90 -18.16 17.74 10.05
N LYS A 91 -17.14 16.95 9.67
CA LYS A 91 -17.26 15.51 9.80
C LYS A 91 -16.70 15.01 11.16
N ASN A 92 -17.16 13.82 11.62
CA ASN A 92 -16.69 13.19 12.87
C ASN A 92 -15.54 12.28 12.45
N VAL A 93 -14.29 12.69 12.75
CA VAL A 93 -13.13 12.04 12.19
C VAL A 93 -12.34 11.12 13.14
N LEU A 94 -12.14 9.89 12.71
CA LEU A 94 -11.30 8.95 13.42
C LEU A 94 -9.91 8.93 12.73
N GLN A 95 -8.88 9.37 13.47
CA GLN A 95 -7.52 9.26 13.00
C GLN A 95 -6.75 8.54 14.08
N PRO A 96 -6.65 7.21 13.96
CA PRO A 96 -5.98 6.44 15.01
C PRO A 96 -4.47 6.19 14.78
N ILE A 97 -3.76 5.82 15.86
CA ILE A 97 -2.33 5.53 15.87
C ILE A 97 -2.06 4.37 16.85
N GLY A 98 -1.11 3.54 16.52
CA GLY A 98 -0.76 2.38 17.32
C GLY A 98 0.57 1.81 16.95
N TRP A 99 0.92 0.65 17.52
CA TRP A 99 2.25 0.09 17.31
C TRP A 99 2.21 -1.33 16.95
N ASP A 100 2.78 -1.68 15.81
CA ASP A 100 2.88 -3.05 15.36
C ASP A 100 4.10 -3.53 16.08
N ALA A 101 3.96 -3.85 17.37
CA ALA A 101 5.04 -4.01 18.31
C ALA A 101 5.76 -5.38 18.34
N PHE A 102 5.10 -6.48 17.96
CA PHE A 102 5.80 -7.78 17.89
C PHE A 102 6.71 -7.80 16.64
N GLY A 103 7.67 -8.73 16.62
CA GLY A 103 8.56 -8.87 15.46
C GLY A 103 10.01 -9.23 15.73
N LEU A 104 10.67 -9.76 14.71
CA LEU A 104 12.08 -10.18 14.67
C LEU A 104 13.11 -9.12 15.10
N PRO A 105 13.09 -7.86 14.61
CA PRO A 105 14.12 -6.90 15.02
C PRO A 105 14.29 -6.69 16.54
N ALA A 106 13.24 -6.89 17.34
CA ALA A 106 13.38 -6.76 18.79
C ALA A 106 14.21 -7.90 19.39
N GLU A 107 14.14 -9.09 18.80
CA GLU A 107 14.87 -10.25 19.29
C GLU A 107 16.39 -10.08 19.19
N GLY A 108 16.86 -9.57 18.07
CA GLY A 108 18.29 -9.34 17.86
C GLY A 108 18.80 -8.14 18.62
N ALA A 109 18.00 -7.06 18.66
CA ALA A 109 18.40 -5.87 19.39
C ALA A 109 18.45 -6.12 20.88
N ALA A 110 17.60 -7.01 21.41
CA ALA A 110 17.62 -7.34 22.82
C ALA A 110 18.93 -8.06 23.16
N VAL A 111 19.40 -8.97 22.28
CA VAL A 111 20.65 -9.71 22.51
C VAL A 111 21.86 -8.76 22.46
N LYS A 112 21.96 -7.95 21.40
CA LYS A 112 23.04 -6.99 21.21
C LYS A 112 23.05 -5.90 22.30
N ASN A 113 21.88 -5.58 22.88
CA ASN A 113 21.81 -4.55 23.93
C ASN A 113 21.62 -5.11 25.34
N ASN A 114 21.85 -6.42 25.54
CA ASN A 114 21.72 -7.11 26.84
C ASN A 114 20.44 -6.75 27.59
N THR A 115 19.30 -6.91 26.93
CA THR A 115 17.98 -6.63 27.48
C THR A 115 16.96 -7.69 26.94
N ALA A 116 15.64 -7.45 27.05
CA ALA A 116 14.65 -8.36 26.52
C ALA A 116 13.81 -7.65 25.43
N PRO A 117 13.17 -8.37 24.49
CA PRO A 117 12.37 -7.69 23.45
C PRO A 117 11.27 -6.75 23.95
N ALA A 118 10.64 -7.01 25.12
CA ALA A 118 9.58 -6.16 25.65
C ALA A 118 10.04 -4.78 26.14
N PRO A 119 11.03 -4.63 27.06
CA PRO A 119 11.42 -3.26 27.46
C PRO A 119 12.04 -2.46 26.32
N TRP A 120 12.70 -3.13 25.37
CA TRP A 120 13.27 -2.48 24.19
C TRP A 120 12.13 -1.84 23.37
N THR A 121 11.08 -2.63 23.08
CA THR A 121 9.88 -2.22 22.36
C THR A 121 9.15 -1.09 23.06
N TYR A 122 8.90 -1.22 24.36
CA TYR A 122 8.20 -0.16 25.09
C TYR A 122 9.01 1.14 25.15
N ASP A 123 10.33 1.07 25.22
CA ASP A 123 11.19 2.24 25.18
C ASP A 123 11.10 2.92 23.80
N ASN A 124 11.06 2.12 22.72
CA ASN A 124 10.95 2.62 21.35
C ASN A 124 9.60 3.26 21.10
N ILE A 125 8.51 2.66 21.61
CA ILE A 125 7.14 3.18 21.50
C ILE A 125 7.08 4.53 22.14
N ALA A 126 7.66 4.66 23.36
CA ALA A 126 7.68 5.93 24.09
C ALA A 126 8.46 7.03 23.37
N TYR A 127 9.62 6.70 22.80
CA TYR A 127 10.42 7.67 22.08
C TYR A 127 9.73 8.08 20.75
N MET A 128 9.26 7.12 19.95
CA MET A 128 8.59 7.44 18.69
C MET A 128 7.27 8.15 18.90
N LYS A 129 6.55 7.86 20.00
CA LYS A 129 5.30 8.52 20.35
C LYS A 129 5.56 10.02 20.58
N ASN A 130 6.66 10.33 21.27
CA ASN A 130 7.06 11.71 21.51
C ASN A 130 7.36 12.42 20.17
N GLN A 131 7.99 11.72 19.23
CA GLN A 131 8.32 12.22 17.90
C GLN A 131 7.05 12.51 17.09
N LEU A 132 6.05 11.60 17.16
CA LEU A 132 4.78 11.80 16.48
C LEU A 132 4.06 13.00 17.05
N LYS A 133 4.09 13.19 18.38
CA LYS A 133 3.48 14.35 19.01
C LYS A 133 4.23 15.63 18.59
N MET A 134 5.56 15.61 18.55
CA MET A 134 6.35 16.76 18.10
C MET A 134 6.05 17.18 16.63
N LEU A 135 5.46 16.27 15.84
CA LEU A 135 5.00 16.53 14.45
C LEU A 135 3.57 17.06 14.37
N GLY A 136 2.84 17.06 15.49
CA GLY A 136 1.49 17.56 15.59
C GLY A 136 0.46 16.81 14.79
N PHE A 137 0.52 15.49 14.81
CA PHE A 137 -0.46 14.68 14.09
C PHE A 137 -1.67 14.55 15.02
N GLY A 138 -2.83 14.97 14.54
CA GLY A 138 -4.06 14.97 15.31
C GLY A 138 -4.68 13.61 15.49
N TYR A 139 -4.06 12.78 16.35
CA TYR A 139 -4.59 11.44 16.61
C TYR A 139 -5.51 11.40 17.77
N ASP A 140 -6.41 10.43 17.78
CA ASP A 140 -7.23 10.18 18.96
C ASP A 140 -6.34 9.26 19.77
N TRP A 141 -5.55 9.81 20.70
CA TRP A 141 -4.62 9.03 21.53
C TRP A 141 -5.27 8.19 22.60
N SER A 142 -6.59 8.36 22.83
CA SER A 142 -7.29 7.49 23.78
C SER A 142 -7.50 6.08 23.15
N ARG A 143 -7.46 5.97 21.81
CA ARG A 143 -7.63 4.71 21.09
C ARG A 143 -6.29 4.03 20.72
N GLU A 144 -5.14 4.60 21.19
CA GLU A 144 -3.79 4.11 20.96
C GLU A 144 -3.67 2.67 21.44
N LEU A 145 -3.01 1.81 20.63
CA LEU A 145 -2.81 0.38 20.89
C LEU A 145 -1.37 -0.07 20.69
N ALA A 146 -0.90 -1.05 21.48
CA ALA A 146 0.37 -1.70 21.24
C ALA A 146 -0.04 -3.15 20.97
N THR A 147 0.28 -3.70 19.78
CA THR A 147 -0.16 -5.05 19.44
C THR A 147 0.57 -6.17 20.24
N CYS A 148 1.58 -5.81 21.05
CA CYS A 148 2.29 -6.79 21.86
C CYS A 148 1.72 -6.96 23.28
N THR A 149 0.64 -6.24 23.62
CA THR A 149 -0.01 -6.33 24.93
C THR A 149 -1.10 -7.38 24.89
N PRO A 150 -1.28 -8.16 25.99
CA PRO A 150 -2.34 -9.19 25.98
C PRO A 150 -3.72 -8.61 25.74
N GLU A 151 -3.96 -7.35 26.17
CA GLU A 151 -5.24 -6.70 25.91
C GLU A 151 -5.58 -6.63 24.41
N TYR A 152 -4.55 -6.74 23.55
CA TYR A 152 -4.70 -6.77 22.12
C TYR A 152 -4.72 -8.23 21.57
N TYR A 153 -3.62 -8.97 21.69
CA TYR A 153 -3.46 -10.27 21.06
C TYR A 153 -4.37 -11.38 21.63
N ARG A 154 -5.04 -11.12 22.78
CA ARG A 154 -5.98 -12.09 23.32
C ARG A 154 -7.16 -12.30 22.36
N TRP A 155 -7.51 -11.28 21.55
CA TRP A 155 -8.64 -11.41 20.64
C TRP A 155 -8.30 -12.18 19.39
N GLU A 156 -7.05 -12.07 18.90
CA GLU A 156 -6.66 -12.89 17.76
C GLU A 156 -6.47 -14.37 18.19
N GLN A 157 -6.10 -14.62 19.45
CA GLN A 157 -5.98 -15.98 19.96
C GLN A 157 -7.36 -16.60 20.04
N LYS A 158 -8.33 -15.87 20.56
CA LYS A 158 -9.70 -16.33 20.67
C LYS A 158 -10.32 -16.55 19.27
N PHE A 159 -10.00 -15.66 18.32
CA PHE A 159 -10.47 -15.74 16.93
C PHE A 159 -9.87 -16.92 16.20
N PHE A 160 -8.62 -17.26 16.51
CA PHE A 160 -7.97 -18.41 15.89
C PHE A 160 -8.59 -19.73 16.38
N THR A 161 -9.03 -19.79 17.67
CA THR A 161 -9.69 -21.01 18.20
C THR A 161 -11.05 -21.18 17.50
N GLU A 162 -11.80 -20.05 17.28
CA GLU A 162 -13.08 -20.07 16.56
C GLU A 162 -12.89 -20.54 15.10
N LEU A 163 -11.81 -20.08 14.42
CA LEU A 163 -11.57 -20.49 13.04
C LEU A 163 -11.21 -21.98 12.98
N TYR A 164 -10.52 -22.50 13.98
CA TYR A 164 -10.17 -23.91 14.06
C TYR A 164 -11.44 -24.75 14.14
N LYS A 165 -12.41 -24.33 15.00
CA LYS A 165 -13.66 -25.04 15.14
C LYS A 165 -14.52 -24.94 13.85
N LYS A 166 -14.39 -23.83 13.10
CA LYS A 166 -15.07 -23.64 11.82
C LYS A 166 -14.43 -24.44 10.65
N GLY A 167 -13.38 -25.21 10.92
CA GLY A 167 -12.71 -25.99 9.90
C GLY A 167 -11.76 -25.21 8.99
N LEU A 168 -11.44 -23.97 9.35
CA LEU A 168 -10.54 -23.15 8.54
C LEU A 168 -9.07 -23.19 8.95
N VAL A 169 -8.71 -24.04 9.92
CA VAL A 169 -7.34 -24.08 10.43
C VAL A 169 -6.83 -25.53 10.43
N TYR A 170 -5.61 -25.72 9.92
CA TYR A 170 -5.01 -27.04 9.91
C TYR A 170 -3.50 -26.95 10.11
N LYS A 171 -2.88 -28.05 10.53
CA LYS A 171 -1.44 -28.11 10.71
C LYS A 171 -0.85 -29.08 9.66
N LYS A 172 0.38 -28.80 9.18
CA LYS A 172 1.07 -29.64 8.21
C LYS A 172 2.53 -29.23 8.09
N THR A 173 3.39 -30.18 7.71
CA THR A 173 4.81 -29.90 7.53
C THR A 173 5.06 -29.38 6.13
N SER A 174 5.47 -28.11 6.01
CA SER A 174 5.74 -27.50 4.72
C SER A 174 7.23 -27.09 4.59
N ALA A 175 7.70 -26.84 3.37
CA ALA A 175 9.11 -26.48 3.12
C ALA A 175 9.40 -24.96 3.16
N VAL A 176 10.39 -24.55 4.00
CA VAL A 176 10.76 -23.15 4.14
C VAL A 176 12.17 -22.86 3.59
N ARG A 205 16.94 -25.23 3.10
CA ARG A 205 15.56 -25.71 3.07
C ARG A 205 15.28 -26.74 4.17
N LYS A 206 14.34 -26.42 5.06
CA LYS A 206 13.93 -27.32 6.15
C LYS A 206 12.42 -27.56 6.09
N GLU A 207 11.99 -28.79 6.35
CA GLU A 207 10.57 -29.11 6.40
C GLU A 207 10.18 -28.82 7.85
N ILE A 208 9.43 -27.75 8.07
CA ILE A 208 9.04 -27.34 9.42
C ILE A 208 7.53 -27.45 9.57
N PRO A 209 7.06 -28.11 10.63
CA PRO A 209 5.59 -28.19 10.84
C PRO A 209 5.00 -26.79 11.13
N GLN A 210 3.93 -26.42 10.41
CA GLN A 210 3.35 -25.09 10.56
C GLN A 210 1.82 -25.09 10.73
N TRP A 211 1.26 -23.96 11.20
CA TRP A 211 -0.17 -23.71 11.33
C TRP A 211 -0.61 -22.92 10.14
N PHE A 212 -1.72 -23.33 9.52
CA PHE A 212 -2.26 -22.69 8.34
C PHE A 212 -3.71 -22.29 8.51
N ILE A 213 -4.09 -21.18 7.91
CA ILE A 213 -5.47 -20.74 7.84
C ILE A 213 -5.85 -20.84 6.36
N LYS A 214 -6.96 -21.49 6.04
CA LYS A 214 -7.37 -21.69 4.66
C LYS A 214 -7.84 -20.43 3.94
N ILE A 215 -6.91 -19.56 3.55
CA ILE A 215 -7.24 -18.39 2.75
C ILE A 215 -7.76 -18.80 1.38
N THR A 216 -7.35 -20.00 0.87
CA THR A 216 -7.83 -20.55 -0.41
C THR A 216 -9.36 -20.73 -0.40
N ALA A 217 -9.98 -20.93 0.77
CA ALA A 217 -11.43 -21.06 0.85
C ALA A 217 -12.18 -19.73 0.53
N TYR A 218 -11.45 -18.60 0.49
CA TYR A 218 -11.97 -17.26 0.21
C TYR A 218 -11.41 -16.62 -1.08
N ALA A 219 -10.61 -17.37 -1.86
CA ALA A 219 -9.93 -16.89 -3.06
C ALA A 219 -10.82 -16.26 -4.12
N ASP A 220 -11.97 -16.89 -4.45
CA ASP A 220 -12.91 -16.36 -5.45
C ASP A 220 -13.43 -14.99 -4.99
N GLU A 221 -13.79 -14.87 -3.71
CA GLU A 221 -14.29 -13.62 -3.18
C GLU A 221 -13.22 -12.57 -3.15
N LEU A 222 -11.99 -12.93 -2.74
CA LEU A 222 -10.89 -11.98 -2.74
C LEU A 222 -10.62 -11.45 -4.16
N LEU A 223 -10.69 -12.36 -5.14
CA LEU A 223 -10.53 -12.03 -6.55
C LEU A 223 -11.72 -11.19 -7.10
N ASN A 224 -12.96 -11.68 -7.01
CA ASN A 224 -14.13 -10.99 -7.55
C ASN A 224 -14.39 -9.65 -6.91
N ASP A 225 -14.19 -9.54 -5.58
CA ASP A 225 -14.49 -8.28 -4.88
C ASP A 225 -13.50 -7.15 -5.19
N LEU A 226 -12.51 -7.41 -6.05
CA LEU A 226 -11.61 -6.40 -6.57
C LEU A 226 -12.36 -5.44 -7.54
N ASP A 227 -13.44 -5.93 -8.17
CA ASP A 227 -14.31 -5.12 -9.03
C ASP A 227 -15.15 -4.11 -8.24
N LYS A 228 -15.29 -4.28 -6.90
CA LYS A 228 -15.95 -3.30 -6.04
C LYS A 228 -14.96 -2.18 -5.68
N LEU A 229 -13.63 -2.45 -5.70
CA LEU A 229 -12.60 -1.52 -5.28
C LEU A 229 -12.19 -0.48 -6.33
N ASP A 230 -13.13 0.36 -6.74
CA ASP A 230 -12.90 1.43 -7.72
C ASP A 230 -11.98 2.51 -7.24
N HIS A 231 -11.87 2.72 -5.92
CA HIS A 231 -10.98 3.74 -5.38
C HIS A 231 -9.62 3.18 -4.87
N TRP A 232 -9.28 1.99 -5.32
CA TRP A 232 -8.01 1.33 -5.07
C TRP A 232 -7.23 1.42 -6.39
N PRO A 233 -5.90 1.59 -6.30
CA PRO A 233 -5.11 1.73 -7.52
C PRO A 233 -5.08 0.45 -8.35
N ASP A 234 -5.15 0.58 -9.69
CA ASP A 234 -5.13 -0.54 -10.64
C ASP A 234 -3.91 -1.44 -10.45
N THR A 235 -2.77 -0.86 -10.10
CA THR A 235 -1.54 -1.63 -9.85
C THR A 235 -1.73 -2.64 -8.74
N VAL A 236 -2.18 -2.18 -7.54
CA VAL A 236 -2.45 -3.02 -6.36
C VAL A 236 -3.45 -4.12 -6.70
N LYS A 237 -4.53 -3.78 -7.43
CA LYS A 237 -5.53 -4.76 -7.85
C LYS A 237 -4.97 -5.80 -8.78
N THR A 238 -4.11 -5.39 -9.74
CA THR A 238 -3.48 -6.30 -10.70
C THR A 238 -2.55 -7.24 -9.96
N MET A 239 -1.72 -6.70 -9.06
CA MET A 239 -0.85 -7.52 -8.23
C MET A 239 -1.60 -8.57 -7.43
N GLN A 240 -2.85 -8.26 -6.93
CA GLN A 240 -3.68 -9.20 -6.17
C GLN A 240 -4.31 -10.23 -7.09
N ARG A 241 -4.79 -9.82 -8.29
CA ARG A 241 -5.31 -10.78 -9.27
C ARG A 241 -4.22 -11.79 -9.67
N ASN A 242 -3.00 -11.29 -9.92
CA ASN A 242 -1.86 -12.12 -10.33
C ASN A 242 -1.39 -13.02 -9.22
N TRP A 243 -1.32 -12.49 -7.99
CA TRP A 243 -0.90 -13.25 -6.83
C TRP A 243 -1.94 -14.32 -6.47
N ILE A 244 -3.24 -14.03 -6.64
CA ILE A 244 -4.28 -15.02 -6.39
C ILE A 244 -4.13 -16.17 -7.38
N GLY A 245 -3.93 -15.82 -8.66
CA GLY A 245 -3.68 -16.75 -9.75
C GLY A 245 -4.78 -17.79 -9.92
N ARG A 246 -6.04 -17.35 -10.06
CA ARG A 246 -7.12 -18.31 -10.28
C ARG A 246 -6.91 -19.05 -11.62
N SER A 247 -7.05 -20.37 -11.57
CA SER A 247 -6.80 -21.19 -12.74
C SER A 247 -7.88 -22.25 -12.90
N GLU A 248 -8.43 -22.36 -14.12
CA GLU A 248 -9.43 -23.34 -14.53
C GLU A 248 -8.74 -24.40 -15.39
N GLY A 249 -8.83 -25.65 -14.97
CA GLY A 249 -8.22 -26.74 -15.68
C GLY A 249 -8.85 -28.08 -15.38
N VAL A 250 -8.13 -29.16 -15.75
CA VAL A 250 -8.58 -30.53 -15.56
C VAL A 250 -7.51 -31.39 -14.86
N GLU A 251 -7.93 -32.20 -13.89
CA GLU A 251 -7.03 -33.17 -13.28
C GLU A 251 -7.22 -34.47 -14.05
N ILE A 252 -6.14 -35.06 -14.59
CA ILE A 252 -6.17 -36.30 -15.36
C ILE A 252 -5.37 -37.37 -14.59
N THR A 253 -5.98 -38.51 -14.33
CA THR A 253 -5.34 -39.58 -13.57
C THR A 253 -4.89 -40.70 -14.49
N PHE A 254 -3.67 -41.18 -14.25
CA PHE A 254 -3.06 -42.22 -15.06
C PHE A 254 -2.73 -43.44 -14.20
N ASN A 255 -2.67 -44.58 -14.86
CA ASN A 255 -2.28 -45.82 -14.23
C ASN A 255 -0.79 -45.96 -14.53
N VAL A 256 0.03 -46.26 -13.51
CA VAL A 256 1.47 -46.45 -13.71
C VAL A 256 1.82 -47.94 -13.57
N ASN A 257 2.48 -48.50 -14.58
CA ASN A 257 2.88 -49.91 -14.58
C ASN A 257 3.95 -50.15 -13.53
N ASP A 258 3.76 -51.20 -12.71
CA ASP A 258 4.66 -51.62 -11.64
C ASP A 258 4.77 -50.61 -10.49
N TYR A 259 3.73 -49.77 -10.34
CA TYR A 259 3.60 -48.74 -9.30
C TYR A 259 2.22 -48.91 -8.65
N ASP A 260 2.18 -48.98 -7.30
CA ASP A 260 0.95 -49.21 -6.50
C ASP A 260 -0.12 -48.13 -6.64
N ASN A 261 0.28 -46.86 -6.50
CA ASN A 261 -0.63 -45.73 -6.59
C ASN A 261 -0.89 -45.34 -8.06
N THR A 262 -1.83 -44.42 -8.28
CA THR A 262 -2.05 -43.82 -9.59
C THR A 262 -1.24 -42.48 -9.61
N LEU A 263 -1.24 -41.78 -10.75
CA LEU A 263 -0.51 -40.51 -10.86
C LEU A 263 -1.45 -39.50 -11.50
N THR A 264 -1.76 -38.45 -10.78
CA THR A 264 -2.69 -37.43 -11.27
C THR A 264 -1.95 -36.16 -11.65
N VAL A 265 -2.23 -35.64 -12.86
CA VAL A 265 -1.61 -34.40 -13.31
C VAL A 265 -2.65 -33.29 -13.37
N TYR A 266 -2.19 -32.03 -13.33
CA TYR A 266 -3.09 -30.90 -13.52
C TYR A 266 -2.71 -30.19 -14.81
N THR A 267 -3.73 -29.95 -15.64
CA THR A 267 -3.50 -29.28 -16.91
C THR A 267 -4.48 -28.20 -17.19
N THR A 268 -3.98 -27.06 -17.69
CA THR A 268 -4.85 -26.00 -18.15
C THR A 268 -5.16 -26.13 -19.64
N ARG A 269 -4.60 -27.15 -20.33
CA ARG A 269 -4.80 -27.33 -21.76
C ARG A 269 -5.12 -28.79 -22.06
N PRO A 270 -6.29 -29.31 -21.59
CA PRO A 270 -6.63 -30.71 -21.88
C PRO A 270 -6.93 -30.96 -23.36
N ASP A 271 -7.18 -29.89 -24.14
CA ASP A 271 -7.42 -29.96 -25.57
C ASP A 271 -6.22 -30.60 -26.30
N THR A 272 -5.02 -30.45 -25.75
CA THR A 272 -3.78 -30.98 -26.33
C THR A 272 -3.44 -32.38 -25.79
N PHE A 273 -4.39 -33.10 -25.18
CA PHE A 273 -4.17 -34.42 -24.59
C PHE A 273 -3.66 -35.48 -25.56
N MET A 274 -4.04 -35.40 -26.84
CA MET A 274 -3.55 -36.36 -27.83
C MET A 274 -2.11 -36.12 -28.28
N GLY A 275 -1.52 -34.98 -27.92
CA GLY A 275 -0.13 -34.66 -28.22
C GLY A 275 0.78 -34.78 -27.01
N CYS A 276 0.31 -35.53 -25.99
CA CYS A 276 1.02 -35.77 -24.74
C CYS A 276 1.93 -36.95 -24.97
N THR A 277 3.23 -36.74 -24.79
CA THR A 277 4.22 -37.79 -25.08
C THR A 277 4.94 -38.36 -23.84
N TYR A 278 4.81 -37.69 -22.69
CA TYR A 278 5.40 -38.11 -21.42
C TYR A 278 4.79 -37.29 -20.28
N LEU A 279 5.01 -37.72 -19.05
CA LEU A 279 4.58 -36.99 -17.88
C LEU A 279 5.83 -36.50 -17.13
N ALA A 280 5.66 -35.46 -16.31
CA ALA A 280 6.76 -34.94 -15.50
C ALA A 280 6.31 -34.73 -14.06
N VAL A 281 7.11 -35.17 -13.10
CA VAL A 281 6.78 -35.01 -11.68
C VAL A 281 7.81 -34.13 -10.99
N ALA A 282 7.45 -33.57 -9.82
CA ALA A 282 8.40 -32.80 -9.04
C ALA A 282 9.47 -33.75 -8.49
N ALA A 283 10.67 -33.23 -8.21
CA ALA A 283 11.75 -34.06 -7.65
C ALA A 283 11.34 -34.66 -6.29
N GLY A 284 10.62 -33.87 -5.49
CA GLY A 284 10.11 -34.29 -4.20
C GLY A 284 8.77 -35.02 -4.24
N HIS A 285 8.37 -35.55 -5.40
CA HIS A 285 7.11 -36.27 -5.57
C HIS A 285 7.24 -37.74 -5.18
N PRO A 286 6.22 -38.29 -4.49
CA PRO A 286 6.25 -39.72 -4.11
C PRO A 286 6.74 -40.71 -5.17
N LEU A 287 6.22 -40.63 -6.44
CA LEU A 287 6.63 -41.53 -7.55
C LEU A 287 8.13 -41.41 -7.84
N ALA A 288 8.65 -40.17 -7.87
CA ALA A 288 10.06 -39.91 -8.12
C ALA A 288 10.93 -40.48 -7.00
N GLN A 289 10.43 -40.47 -5.75
CA GLN A 289 11.17 -40.98 -4.61
C GLN A 289 11.13 -42.51 -4.53
N LYS A 290 10.08 -43.14 -5.06
CA LYS A 290 9.99 -44.60 -5.07
C LYS A 290 10.99 -45.13 -6.11
N ALA A 291 11.02 -44.52 -7.30
CA ALA A 291 11.94 -44.92 -8.35
C ALA A 291 13.41 -44.61 -8.03
N ALA A 292 13.66 -43.58 -7.16
CA ALA A 292 15.01 -43.16 -6.74
C ALA A 292 15.81 -44.20 -5.96
N GLU A 293 15.13 -45.26 -5.49
CA GLU A 293 15.79 -46.32 -4.75
C GLU A 293 16.65 -47.15 -5.72
N ASN A 294 16.05 -47.67 -6.79
CA ASN A 294 16.79 -48.42 -7.81
C ASN A 294 17.30 -47.47 -8.90
N ASN A 295 17.76 -46.28 -8.51
CA ASN A 295 18.24 -45.28 -9.46
C ASN A 295 19.15 -44.26 -8.81
N PRO A 296 20.48 -44.43 -8.91
CA PRO A 296 21.40 -43.43 -8.33
C PRO A 296 21.46 -42.12 -9.10
N GLU A 297 21.14 -42.15 -10.41
CA GLU A 297 21.10 -40.96 -11.26
C GLU A 297 19.94 -40.04 -10.83
N LEU A 298 18.79 -40.65 -10.49
CA LEU A 298 17.58 -40.01 -10.00
C LEU A 298 17.72 -39.60 -8.55
N ALA A 299 18.38 -40.42 -7.72
CA ALA A 299 18.63 -40.09 -6.32
C ALA A 299 19.46 -38.81 -6.20
N ALA A 300 20.47 -38.66 -7.08
CA ALA A 300 21.36 -37.51 -7.11
C ALA A 300 20.62 -36.23 -7.50
N PHE A 301 19.68 -36.34 -8.44
CA PHE A 301 18.89 -35.22 -8.94
C PHE A 301 17.95 -34.68 -7.88
N ILE A 302 17.30 -35.57 -7.11
CA ILE A 302 16.36 -35.18 -6.05
C ILE A 302 17.08 -34.38 -4.94
N ASP A 303 18.32 -34.81 -4.60
CA ASP A 303 19.13 -34.12 -3.61
C ASP A 303 19.65 -32.80 -4.14
N GLU A 304 20.09 -32.78 -5.41
CA GLU A 304 20.56 -31.55 -6.08
C GLU A 304 19.43 -30.49 -6.09
N CYS A 305 18.17 -30.93 -6.24
CA CYS A 305 17.00 -30.06 -6.26
C CYS A 305 16.68 -29.49 -4.87
N ARG A 306 16.86 -30.29 -3.83
CA ARG A 306 16.62 -29.91 -2.43
C ARG A 306 17.69 -28.94 -1.90
N ASN A 307 18.93 -29.04 -2.43
CA ASN A 307 20.05 -28.21 -1.99
C ASN A 307 20.28 -27.01 -2.92
N THR A 308 19.33 -26.04 -2.88
CA THR A 308 19.36 -24.82 -3.69
C THR A 308 20.47 -23.85 -3.25
N MET A 318 16.75 -20.13 -16.35
CA MET A 318 15.51 -20.91 -16.52
C MET A 318 15.77 -22.28 -17.16
N GLU A 319 16.95 -22.86 -16.94
CA GLU A 319 17.37 -24.13 -17.54
C GLU A 319 16.53 -25.35 -17.12
N LYS A 320 16.29 -26.28 -18.06
CA LYS A 320 15.54 -27.50 -17.76
C LYS A 320 16.47 -28.63 -17.31
N LYS A 321 16.00 -29.48 -16.39
CA LYS A 321 16.79 -30.57 -15.84
C LYS A 321 15.86 -31.71 -15.48
N GLY A 322 16.22 -32.92 -15.87
CA GLY A 322 15.40 -34.08 -15.60
C GLY A 322 16.09 -35.42 -15.73
N VAL A 323 15.51 -36.41 -15.06
CA VAL A 323 15.97 -37.80 -15.05
C VAL A 323 14.75 -38.66 -15.28
N ASP A 324 14.84 -39.63 -16.18
CA ASP A 324 13.77 -40.57 -16.44
C ASP A 324 13.67 -41.47 -15.19
N THR A 325 12.46 -41.60 -14.64
CA THR A 325 12.25 -42.43 -13.46
C THR A 325 12.27 -43.93 -13.79
N GLY A 326 11.95 -44.29 -15.03
CA GLY A 326 11.85 -45.67 -15.45
C GLY A 326 10.42 -46.20 -15.41
N PHE A 327 9.49 -45.43 -14.79
CA PHE A 327 8.08 -45.78 -14.69
C PHE A 327 7.30 -45.42 -15.96
N LYS A 328 6.32 -46.25 -16.34
CA LYS A 328 5.53 -46.03 -17.54
C LYS A 328 4.06 -45.82 -17.20
N ALA A 329 3.53 -44.68 -17.58
CA ALA A 329 2.13 -44.38 -17.38
C ALA A 329 1.36 -44.67 -18.67
N VAL A 330 0.11 -45.13 -18.55
CA VAL A 330 -0.69 -45.48 -19.70
C VAL A 330 -1.63 -44.33 -20.08
N HIS A 331 -1.56 -43.87 -21.35
CA HIS A 331 -2.43 -42.80 -21.87
C HIS A 331 -3.86 -43.34 -21.85
N PRO A 332 -4.76 -42.68 -21.12
CA PRO A 332 -6.11 -43.25 -20.95
C PRO A 332 -6.93 -43.36 -22.22
N LEU A 333 -6.58 -42.62 -23.27
CA LEU A 333 -7.35 -42.64 -24.50
C LEU A 333 -6.75 -43.52 -25.60
N THR A 334 -5.44 -43.76 -25.57
CA THR A 334 -4.79 -44.60 -26.58
C THR A 334 -4.27 -45.94 -26.03
N GLY A 335 -4.09 -46.03 -24.71
CA GLY A 335 -3.53 -47.23 -24.09
C GLY A 335 -2.02 -47.37 -24.24
N GLU A 336 -1.38 -46.35 -24.85
CA GLU A 336 0.05 -46.31 -25.11
C GLU A 336 0.82 -45.97 -23.85
N GLU A 337 2.03 -46.53 -23.73
CA GLU A 337 2.90 -46.26 -22.60
C GLU A 337 3.69 -45.00 -22.88
N ILE A 338 3.72 -44.08 -21.93
CA ILE A 338 4.52 -42.87 -22.01
C ILE A 338 5.42 -42.84 -20.77
N PRO A 339 6.67 -42.35 -20.91
CA PRO A 339 7.57 -42.32 -19.75
C PRO A 339 7.22 -41.24 -18.71
N VAL A 340 7.67 -41.44 -17.46
CA VAL A 340 7.46 -40.48 -16.38
C VAL A 340 8.82 -39.93 -15.97
N TRP A 341 9.08 -38.65 -16.21
CA TRP A 341 10.36 -38.03 -15.90
C TRP A 341 10.27 -37.17 -14.66
N ALA A 342 11.36 -37.03 -13.92
CA ALA A 342 11.42 -36.11 -12.80
C ALA A 342 11.93 -34.81 -13.41
N ALA A 343 11.27 -33.67 -13.14
CA ALA A 343 11.64 -32.40 -13.75
C ALA A 343 11.86 -31.29 -12.72
N ASN A 344 12.69 -30.31 -13.05
CA ASN A 344 12.99 -29.22 -12.12
C ASN A 344 11.94 -28.10 -12.17
N PHE A 345 11.30 -27.91 -13.32
CA PHE A 345 10.32 -26.85 -13.51
C PHE A 345 8.95 -27.15 -12.87
N VAL A 346 8.72 -28.40 -12.40
CA VAL A 346 7.48 -28.83 -11.76
C VAL A 346 7.55 -28.61 -10.23
N LEU A 347 6.66 -27.78 -9.70
CA LEU A 347 6.59 -27.49 -8.26
C LEU A 347 5.76 -28.54 -7.54
N MET A 348 6.25 -29.07 -6.41
CA MET A 348 5.45 -30.01 -5.63
C MET A 348 4.25 -29.30 -4.97
N GLU A 349 4.42 -28.02 -4.58
CA GLU A 349 3.41 -27.20 -3.92
C GLU A 349 2.21 -26.84 -4.78
N TYR A 350 2.35 -26.87 -6.13
CA TYR A 350 1.25 -26.47 -7.00
C TYR A 350 0.51 -27.64 -7.60
N GLY A 351 -0.81 -27.57 -7.56
CA GLY A 351 -1.69 -28.62 -8.08
C GLY A 351 -1.42 -29.96 -7.40
N THR A 352 -1.08 -30.95 -8.22
CA THR A 352 -0.78 -32.31 -7.82
C THR A 352 0.74 -32.65 -7.86
N GLY A 353 1.60 -31.67 -8.11
CA GLY A 353 3.04 -31.89 -8.24
C GLY A 353 3.47 -32.70 -9.45
N ALA A 354 2.57 -32.80 -10.45
CA ALA A 354 2.83 -33.55 -11.67
C ALA A 354 2.07 -32.93 -12.86
N VAL A 355 2.73 -32.88 -14.03
CA VAL A 355 2.14 -32.33 -15.25
C VAL A 355 2.13 -33.39 -16.40
N MET A 356 1.31 -33.14 -17.43
CA MET A 356 1.38 -33.93 -18.64
C MET A 356 2.17 -33.05 -19.61
N ALA A 357 3.14 -33.62 -20.32
CA ALA A 357 3.94 -32.83 -21.24
C ALA A 357 3.51 -32.94 -22.67
N VAL A 358 3.27 -31.78 -23.31
CA VAL A 358 2.90 -31.64 -24.70
C VAL A 358 3.96 -30.72 -25.25
N PRO A 359 5.14 -31.28 -25.62
CA PRO A 359 6.24 -30.44 -26.11
C PRO A 359 5.90 -29.63 -27.35
N GLY A 360 4.96 -30.12 -28.15
CA GLY A 360 4.55 -29.39 -29.34
C GLY A 360 3.79 -28.10 -29.03
N HIS A 361 3.21 -27.99 -27.81
CA HIS A 361 2.39 -26.82 -27.52
C HIS A 361 2.65 -26.13 -26.18
N ASP A 362 3.64 -26.60 -25.44
CA ASP A 362 4.07 -25.93 -24.20
C ASP A 362 5.57 -25.67 -24.35
N GLN A 363 6.03 -24.42 -24.24
CA GLN A 363 7.44 -24.07 -24.39
C GLN A 363 8.40 -24.69 -23.33
N ARG A 364 7.94 -24.92 -22.10
CA ARG A 364 8.78 -25.59 -21.09
C ARG A 364 9.00 -27.04 -21.53
N ASP A 365 7.91 -27.69 -21.99
CA ASP A 365 7.96 -29.06 -22.45
C ASP A 365 8.75 -29.19 -23.73
N TYR A 366 8.67 -28.20 -24.63
CA TYR A 366 9.40 -28.17 -25.89
C TYR A 366 10.91 -28.24 -25.60
N GLU A 367 11.39 -27.34 -24.73
CA GLU A 367 12.81 -27.29 -24.36
C GLU A 367 13.26 -28.51 -23.58
N PHE A 368 12.37 -29.10 -22.78
CA PHE A 368 12.70 -30.28 -22.01
C PHE A 368 12.85 -31.49 -22.95
N ALA A 369 11.88 -31.72 -23.86
CA ALA A 369 11.94 -32.82 -24.80
C ALA A 369 13.06 -32.64 -25.84
N SER A 370 13.38 -31.40 -26.21
CA SER A 370 14.44 -31.15 -27.18
C SER A 370 15.81 -31.48 -26.56
N LYS A 371 15.98 -31.18 -25.27
CA LYS A 371 17.20 -31.50 -24.56
C LYS A 371 17.35 -33.02 -24.33
N TYR A 372 16.25 -33.72 -24.04
CA TYR A 372 16.32 -35.15 -23.71
C TYR A 372 15.87 -36.12 -24.81
N GLY A 373 15.67 -35.63 -26.04
CA GLY A 373 15.33 -36.50 -27.16
C GLY A 373 13.94 -37.09 -27.12
N LEU A 374 13.07 -36.53 -26.30
CA LEU A 374 11.70 -37.02 -26.15
C LEU A 374 10.85 -36.61 -27.37
N ASN A 375 9.74 -37.31 -27.57
CA ASN A 375 8.87 -37.09 -28.72
C ASN A 375 8.09 -35.77 -28.65
N ILE A 376 8.10 -35.02 -29.76
CA ILE A 376 7.38 -33.76 -29.93
C ILE A 376 6.29 -33.97 -30.98
N LYS A 377 5.03 -34.07 -30.53
CA LYS A 377 3.84 -34.31 -31.37
C LYS A 377 3.00 -33.04 -31.66
N PRO A 378 2.66 -32.77 -32.93
CA PRO A 378 1.79 -31.61 -33.22
C PRO A 378 0.29 -31.96 -33.20
N VAL A 379 -0.53 -31.24 -32.38
CA VAL A 379 -1.98 -31.51 -32.32
C VAL A 379 -2.87 -30.26 -32.48
N ILE A 380 -2.28 -29.07 -32.59
CA ILE A 380 -3.04 -27.84 -32.75
C ILE A 380 -2.58 -27.16 -34.04
N LEU A 381 -3.52 -26.77 -34.91
CA LEU A 381 -3.16 -26.08 -36.14
C LEU A 381 -2.81 -24.60 -35.83
N ALA A 382 -2.09 -23.94 -36.75
CA ALA A 382 -1.78 -22.53 -36.64
C ALA A 382 -3.05 -21.74 -37.02
N ALA A 383 -3.15 -20.45 -36.63
CA ALA A 383 -4.32 -19.57 -36.86
C ALA A 383 -4.99 -19.67 -38.26
N ASP A 384 -4.20 -19.90 -39.33
CA ASP A 384 -4.72 -20.01 -40.70
C ASP A 384 -5.16 -21.44 -41.13
N GLY A 385 -5.23 -22.36 -40.17
CA GLY A 385 -5.64 -23.74 -40.46
C GLY A 385 -4.54 -24.64 -40.96
N SER A 386 -3.32 -24.09 -41.11
CA SER A 386 -2.17 -24.85 -41.60
C SER A 386 -1.45 -25.54 -40.45
N GLU A 387 -0.83 -26.69 -40.73
CA GLU A 387 -0.08 -27.41 -39.71
C GLU A 387 1.08 -26.54 -39.15
N PRO A 388 1.33 -26.57 -37.82
CA PRO A 388 2.36 -25.68 -37.26
C PRO A 388 3.78 -26.11 -37.57
N ASP A 389 4.68 -25.13 -37.51
CA ASP A 389 6.11 -25.30 -37.67
C ASP A 389 6.64 -25.46 -36.25
N LEU A 390 7.03 -26.69 -35.89
CA LEU A 390 7.60 -26.96 -34.56
C LEU A 390 9.12 -27.19 -34.59
N SER A 391 9.79 -26.71 -35.64
CA SER A 391 11.22 -26.92 -35.79
C SER A 391 12.08 -26.05 -34.86
N GLN A 392 11.56 -24.88 -34.42
CA GLN A 392 12.36 -23.99 -33.56
C GLN A 392 11.75 -23.81 -32.17
N GLN A 393 10.41 -23.84 -32.08
CA GLN A 393 9.69 -23.60 -30.82
C GLN A 393 8.28 -24.24 -30.82
N ALA A 394 7.59 -24.19 -29.67
CA ALA A 394 6.25 -24.75 -29.55
C ALA A 394 5.18 -23.79 -30.10
N LEU A 395 4.05 -24.35 -30.55
CA LEU A 395 2.94 -23.54 -31.03
C LEU A 395 2.06 -23.35 -29.78
N THR A 396 2.14 -22.17 -29.21
CA THR A 396 1.54 -21.79 -27.93
C THR A 396 0.05 -21.41 -28.05
N GLU A 397 -0.32 -20.73 -29.14
CA GLU A 397 -1.67 -20.23 -29.43
C GLU A 397 -2.73 -21.32 -29.47
N LYS A 398 -3.93 -20.99 -29.01
CA LYS A 398 -5.03 -21.94 -28.96
C LYS A 398 -5.72 -22.01 -30.33
N GLY A 399 -6.12 -23.20 -30.76
CA GLY A 399 -6.73 -23.36 -32.07
C GLY A 399 -7.44 -24.69 -32.29
N VAL A 400 -7.68 -25.04 -33.56
CA VAL A 400 -8.36 -26.24 -33.99
C VAL A 400 -7.45 -27.47 -33.89
N LEU A 401 -8.02 -28.62 -33.56
CA LEU A 401 -7.23 -29.84 -33.39
C LEU A 401 -6.99 -30.62 -34.68
N PHE A 402 -5.88 -31.34 -34.71
CA PHE A 402 -5.49 -32.35 -35.72
C PHE A 402 -4.67 -33.44 -35.02
N ASN A 403 -4.52 -34.62 -35.63
CA ASN A 403 -3.82 -35.77 -35.04
C ASN A 403 -4.42 -36.21 -33.70
N SER A 404 -5.71 -35.92 -33.48
CA SER A 404 -6.44 -36.16 -32.25
C SER A 404 -7.60 -37.14 -32.35
N GLY A 405 -7.66 -37.90 -33.45
CA GLY A 405 -8.70 -38.89 -33.65
C GLY A 405 -10.11 -38.32 -33.63
N GLU A 406 -10.96 -38.83 -32.75
CA GLU A 406 -12.34 -38.34 -32.64
C GLU A 406 -12.46 -36.87 -32.29
N PHE A 407 -11.34 -36.24 -31.88
CA PHE A 407 -11.35 -34.84 -31.48
C PHE A 407 -10.93 -33.86 -32.58
N ASN A 408 -10.68 -34.36 -33.81
CA ASN A 408 -10.26 -33.53 -34.93
C ASN A 408 -11.33 -32.56 -35.39
N GLY A 409 -10.93 -31.31 -35.64
CA GLY A 409 -11.83 -30.29 -36.12
C GLY A 409 -12.38 -29.40 -35.02
N LEU A 410 -12.43 -29.91 -33.77
CA LEU A 410 -12.95 -29.13 -32.63
C LEU A 410 -12.07 -27.89 -32.41
N ASP A 411 -12.69 -26.72 -32.18
CA ASP A 411 -11.94 -25.52 -31.87
C ASP A 411 -11.48 -25.61 -30.39
N HIS A 412 -10.72 -24.64 -29.86
CA HIS A 412 -10.22 -24.72 -28.48
C HIS A 412 -11.28 -25.06 -27.38
N GLU A 413 -12.35 -24.24 -27.24
CA GLU A 413 -13.35 -24.44 -26.18
C GLU A 413 -14.10 -25.75 -26.34
N ALA A 414 -14.37 -26.19 -27.59
CA ALA A 414 -15.02 -27.45 -27.88
C ALA A 414 -14.12 -28.65 -27.56
N ALA A 415 -12.82 -28.54 -27.87
CA ALA A 415 -11.83 -29.58 -27.63
C ALA A 415 -11.59 -29.76 -26.13
N PHE A 416 -11.49 -28.63 -25.39
CA PHE A 416 -11.28 -28.61 -23.93
C PHE A 416 -12.46 -29.31 -23.28
N ASN A 417 -13.69 -28.94 -23.68
CA ASN A 417 -14.89 -29.51 -23.12
C ASN A 417 -15.09 -30.95 -23.42
N ALA A 418 -14.90 -31.38 -24.69
CA ALA A 418 -15.06 -32.78 -25.09
C ALA A 418 -14.04 -33.71 -24.44
N ILE A 419 -12.77 -33.31 -24.35
CA ILE A 419 -11.73 -34.15 -23.74
C ILE A 419 -11.92 -34.21 -22.23
N ALA A 420 -12.26 -33.07 -21.60
CA ALA A 420 -12.55 -33.06 -20.17
C ALA A 420 -13.79 -33.91 -19.88
N ASP A 421 -14.82 -33.82 -20.75
CA ASP A 421 -16.06 -34.61 -20.61
C ASP A 421 -15.81 -36.08 -20.78
N LYS A 422 -15.01 -36.47 -21.79
CA LYS A 422 -14.73 -37.88 -22.05
C LYS A 422 -14.02 -38.54 -20.92
N LEU A 423 -12.98 -37.88 -20.39
CA LEU A 423 -12.20 -38.37 -19.27
C LEU A 423 -13.02 -38.41 -17.99
N THR A 424 -13.88 -37.42 -17.78
CA THR A 424 -14.72 -37.39 -16.59
C THR A 424 -15.68 -38.60 -16.57
N ALA A 425 -16.26 -38.95 -17.74
CA ALA A 425 -17.14 -40.11 -17.87
C ALA A 425 -16.37 -41.40 -17.53
N MET A 426 -15.13 -41.54 -18.05
CA MET A 426 -14.26 -42.70 -17.80
C MET A 426 -13.73 -42.81 -16.37
N GLY A 427 -14.05 -41.86 -15.51
CA GLY A 427 -13.60 -41.82 -14.12
C GLY A 427 -12.19 -41.32 -13.89
N VAL A 428 -11.45 -41.01 -14.99
CA VAL A 428 -10.05 -40.59 -14.88
C VAL A 428 -9.82 -39.09 -15.08
N GLY A 429 -10.86 -38.30 -14.96
CA GLY A 429 -10.77 -36.86 -15.14
C GLY A 429 -11.81 -36.11 -14.35
N GLU A 430 -11.50 -34.86 -14.03
CA GLU A 430 -12.42 -33.98 -13.33
C GLU A 430 -11.91 -32.58 -13.42
N ARG A 431 -12.81 -31.64 -13.68
CA ARG A 431 -12.41 -30.24 -13.73
C ARG A 431 -11.99 -29.78 -12.34
N LYS A 432 -10.98 -28.92 -12.28
CA LYS A 432 -10.44 -28.45 -11.02
C LYS A 432 -10.02 -27.00 -11.13
N VAL A 433 -10.27 -26.24 -10.07
CA VAL A 433 -9.85 -24.88 -10.00
C VAL A 433 -8.72 -24.85 -8.99
N ASN A 434 -7.57 -24.37 -9.42
CA ASN A 434 -6.43 -24.22 -8.54
C ASN A 434 -6.12 -22.73 -8.39
N TYR A 435 -5.32 -22.38 -7.39
CA TYR A 435 -4.93 -21.01 -7.14
C TYR A 435 -3.46 -20.96 -6.92
N ARG A 436 -2.82 -19.89 -7.40
CA ARG A 436 -1.40 -19.67 -7.12
C ARG A 436 -1.24 -19.36 -5.60
N LEU A 437 -2.26 -18.68 -5.02
CA LEU A 437 -2.40 -18.35 -3.61
C LEU A 437 -2.27 -19.60 -2.77
N ARG A 438 -1.28 -19.66 -1.90
CA ARG A 438 -1.11 -20.79 -1.01
C ARG A 438 -1.81 -20.47 0.32
N ASP A 439 -2.10 -21.51 1.14
CA ASP A 439 -2.71 -21.27 2.44
C ASP A 439 -1.78 -20.45 3.34
N TRP A 440 -2.38 -19.66 4.21
CA TRP A 440 -1.72 -18.71 5.07
C TRP A 440 -0.98 -19.42 6.19
N GLY A 441 0.34 -19.48 6.08
CA GLY A 441 1.21 -20.03 7.10
C GLY A 441 1.33 -18.95 8.16
N VAL A 442 0.80 -19.18 9.37
CA VAL A 442 0.75 -18.16 10.40
C VAL A 442 1.68 -18.38 11.59
N SER A 443 2.41 -19.50 11.63
CA SER A 443 3.28 -19.77 12.78
C SER A 443 4.76 -19.54 12.52
N ARG A 444 5.48 -19.11 13.56
CA ARG A 444 6.89 -18.85 13.46
C ARG A 444 7.62 -19.47 14.65
N GLN A 445 8.85 -19.94 14.46
CA GLN A 445 9.63 -20.51 15.57
C GLN A 445 10.42 -19.34 16.15
N ARG A 446 9.70 -18.36 16.70
CA ARG A 446 10.30 -17.15 17.24
C ARG A 446 9.62 -16.82 18.57
N TYR A 447 10.36 -16.20 19.50
CA TYR A 447 9.81 -15.86 20.79
C TYR A 447 8.89 -14.63 20.75
N TRP A 448 9.34 -13.53 20.13
CA TRP A 448 8.63 -12.27 20.20
C TRP A 448 7.47 -12.22 19.24
N GLY A 449 6.41 -12.89 19.65
CA GLY A 449 5.15 -12.98 18.92
C GLY A 449 4.02 -13.40 19.84
N ALA A 450 2.78 -13.35 19.36
CA ALA A 450 1.64 -13.75 20.19
C ALA A 450 1.51 -15.29 20.19
N PRO A 451 1.48 -15.92 21.39
CA PRO A 451 1.37 -17.39 21.43
C PRO A 451 0.17 -17.97 20.68
N ILE A 452 0.38 -19.08 19.99
CA ILE A 452 -0.67 -19.77 19.26
C ILE A 452 -1.47 -20.57 20.27
N PRO A 453 -2.81 -20.36 20.32
CA PRO A 453 -3.60 -21.04 21.34
C PRO A 453 -4.01 -22.44 20.94
N MET A 454 -3.05 -23.33 20.81
CA MET A 454 -3.26 -24.73 20.45
C MET A 454 -2.48 -25.60 21.40
N VAL A 455 -3.03 -26.77 21.70
CA VAL A 455 -2.41 -27.67 22.66
C VAL A 455 -2.39 -29.13 22.18
N THR A 456 -1.43 -29.91 22.67
CA THR A 456 -1.38 -31.33 22.36
C THR A 456 -1.41 -32.16 23.64
N LEU A 457 -2.59 -32.72 23.96
CA LEU A 457 -2.78 -33.58 25.14
C LEU A 457 -1.83 -34.78 25.09
N GLU A 458 -1.53 -35.38 26.26
CA GLU A 458 -0.66 -36.57 26.28
C GLU A 458 -1.21 -37.72 25.38
N ASP A 459 -2.54 -37.73 25.24
CA ASP A 459 -3.43 -38.52 24.41
C ASP A 459 -3.01 -38.57 22.93
N GLY A 460 -2.23 -37.60 22.49
CA GLY A 460 -1.91 -37.43 21.08
C GLY A 460 -2.93 -36.53 20.38
N THR A 461 -4.07 -36.21 21.05
CA THR A 461 -5.09 -35.35 20.49
C THR A 461 -4.70 -33.86 20.51
N VAL A 462 -5.07 -33.14 19.46
CA VAL A 462 -4.77 -31.72 19.36
C VAL A 462 -6.07 -30.95 19.44
N MET A 463 -6.09 -29.88 20.24
CA MET A 463 -7.27 -29.06 20.39
C MET A 463 -6.91 -27.60 20.73
N PRO A 464 -7.84 -26.64 20.60
CA PRO A 464 -7.53 -25.26 20.98
C PRO A 464 -7.42 -25.07 22.49
N THR A 465 -6.74 -24.00 22.91
CA THR A 465 -6.66 -23.61 24.32
C THR A 465 -8.08 -23.21 24.75
N PRO A 466 -8.59 -23.77 25.86
CA PRO A 466 -9.97 -23.45 26.28
C PRO A 466 -10.17 -21.96 26.59
N ASP A 467 -11.38 -21.44 26.35
CA ASP A 467 -11.72 -20.03 26.54
C ASP A 467 -11.32 -19.46 27.89
N ASP A 468 -11.44 -20.25 28.96
CA ASP A 468 -11.08 -19.81 30.32
C ASP A 468 -9.57 -19.72 30.56
N GLN A 469 -8.73 -20.16 29.60
CA GLN A 469 -7.28 -20.03 29.67
C GLN A 469 -6.75 -18.98 28.67
N LEU A 470 -7.63 -18.12 28.13
CA LEU A 470 -7.24 -17.09 27.17
C LEU A 470 -7.18 -15.72 27.83
N PRO A 471 -6.10 -14.96 27.62
CA PRO A 471 -4.97 -15.25 26.72
C PRO A 471 -3.88 -16.15 27.24
N VAL A 472 -3.16 -16.81 26.30
CA VAL A 472 -1.95 -17.56 26.57
C VAL A 472 -0.91 -16.42 26.55
N ILE A 473 -0.46 -16.01 27.73
CA ILE A 473 0.41 -14.86 27.86
C ILE A 473 1.83 -15.17 27.50
N LEU A 474 2.46 -14.30 26.70
CA LEU A 474 3.85 -14.44 26.36
C LEU A 474 4.62 -13.76 27.51
N PRO A 475 5.46 -14.52 28.23
CA PRO A 475 6.17 -13.90 29.35
C PRO A 475 7.15 -12.84 28.84
N GLU A 476 7.18 -11.66 29.47
CA GLU A 476 8.05 -10.58 29.03
C GLU A 476 9.38 -10.54 29.77
N ASP A 477 9.47 -11.12 30.98
CA ASP A 477 10.74 -11.17 31.71
C ASP A 477 11.54 -12.42 31.31
N VAL A 478 12.33 -12.30 30.26
CA VAL A 478 13.10 -13.43 29.74
C VAL A 478 14.57 -13.02 29.47
N VAL A 479 15.45 -14.03 29.38
CA VAL A 479 16.84 -13.84 29.04
C VAL A 479 17.03 -14.52 27.69
N MET A 480 17.53 -13.79 26.68
CA MET A 480 17.69 -14.34 25.33
C MET A 480 19.09 -14.87 25.08
N ASP A 481 19.23 -16.19 24.84
CA ASP A 481 20.54 -16.76 24.51
C ASP A 481 20.91 -16.64 23.00
N GLY A 482 20.04 -16.02 22.20
CA GLY A 482 20.26 -15.84 20.77
C GLY A 482 20.00 -17.08 19.94
N ILE A 483 20.10 -18.26 20.54
CA ILE A 483 19.92 -19.55 19.86
C ILE A 483 18.45 -20.02 19.85
N THR A 484 17.82 -20.09 21.04
CA THR A 484 16.49 -20.66 21.21
C THR A 484 15.53 -19.73 21.96
N SER A 485 14.25 -19.75 21.58
CA SER A 485 13.19 -19.00 22.21
C SER A 485 13.09 -19.39 23.68
N PRO A 486 13.02 -18.42 24.61
CA PRO A 486 12.90 -18.77 26.03
C PRO A 486 11.70 -19.66 26.37
N ILE A 487 10.60 -19.57 25.60
CA ILE A 487 9.42 -20.42 25.87
C ILE A 487 9.61 -21.87 25.33
N LYS A 488 10.64 -22.10 24.48
CA LYS A 488 11.01 -23.43 23.98
C LYS A 488 12.12 -23.99 24.89
N ALA A 489 13.11 -23.14 25.25
CA ALA A 489 14.25 -23.44 26.12
C ALA A 489 13.85 -23.88 27.53
N ASP A 490 12.75 -23.35 28.08
CA ASP A 490 12.27 -23.77 29.40
C ASP A 490 11.26 -24.85 29.15
N PRO A 491 11.60 -26.12 29.44
CA PRO A 491 10.65 -27.22 29.19
C PRO A 491 9.37 -27.15 29.99
N GLU A 492 9.38 -26.45 31.13
CA GLU A 492 8.21 -26.31 31.98
C GLU A 492 7.18 -25.32 31.44
N TRP A 493 7.59 -24.39 30.54
CA TRP A 493 6.65 -23.41 30.01
C TRP A 493 5.50 -24.06 29.26
N ALA A 494 5.81 -24.97 28.33
CA ALA A 494 4.77 -25.62 27.53
C ALA A 494 3.96 -26.67 28.29
N LYS A 495 4.44 -27.15 29.45
CA LYS A 495 3.70 -28.13 30.24
C LYS A 495 2.47 -27.50 30.86
N THR A 496 1.30 -27.94 30.45
CA THR A 496 0.05 -27.40 30.94
C THR A 496 -0.95 -28.55 31.28
N THR A 497 -2.20 -28.19 31.63
CA THR A 497 -3.24 -29.15 31.92
C THR A 497 -4.50 -28.66 31.20
N VAL A 498 -5.04 -29.48 30.28
CA VAL A 498 -6.23 -29.14 29.48
C VAL A 498 -7.17 -30.35 29.53
N ASN A 499 -8.48 -30.08 29.80
CA ASN A 499 -9.53 -31.10 29.95
C ASN A 499 -9.13 -32.12 31.01
N GLY A 500 -8.54 -31.63 32.11
CA GLY A 500 -8.04 -32.43 33.23
C GLY A 500 -6.91 -33.38 32.88
N MET A 501 -6.38 -33.29 31.66
CA MET A 501 -5.33 -34.15 31.15
C MET A 501 -4.02 -33.36 30.92
N PRO A 502 -2.84 -33.99 31.15
CA PRO A 502 -1.56 -33.29 30.89
C PRO A 502 -1.46 -32.90 29.43
N ALA A 503 -0.96 -31.70 29.15
CA ALA A 503 -0.88 -31.21 27.78
C ALA A 503 0.43 -30.44 27.48
N LEU A 504 0.80 -30.31 26.20
CA LEU A 504 1.96 -29.53 25.82
C LEU A 504 1.45 -28.44 24.91
N ARG A 505 1.51 -27.18 25.35
CA ARG A 505 1.01 -26.09 24.54
C ARG A 505 1.99 -25.66 23.46
N GLU A 506 1.47 -25.02 22.41
CA GLU A 506 2.28 -24.57 21.28
C GLU A 506 3.35 -23.55 21.71
N THR A 507 4.59 -23.78 21.27
CA THR A 507 5.69 -22.86 21.54
C THR A 507 5.94 -21.89 20.36
N ASP A 508 5.36 -22.17 19.19
CA ASP A 508 5.48 -21.26 18.06
C ASP A 508 4.54 -20.10 18.32
N THR A 509 4.88 -18.93 17.77
CA THR A 509 4.07 -17.74 17.92
C THR A 509 3.51 -17.32 16.58
N PHE A 510 2.50 -16.44 16.59
CA PHE A 510 1.91 -15.96 15.34
C PHE A 510 2.89 -15.04 14.61
N ASP A 511 2.87 -15.04 13.26
CA ASP A 511 3.63 -14.03 12.55
C ASP A 511 2.93 -12.68 12.75
N THR A 512 3.70 -11.60 12.69
CA THR A 512 3.20 -10.27 12.98
C THR A 512 2.07 -9.80 12.09
N PHE A 513 1.91 -10.36 10.88
CA PHE A 513 0.80 -9.98 10.01
C PHE A 513 -0.58 -10.40 10.57
N MET A 514 -0.61 -11.23 11.62
CA MET A 514 -1.84 -11.60 12.29
C MET A 514 -2.37 -10.39 13.06
N GLU A 515 -1.47 -9.65 13.75
CA GLU A 515 -1.90 -8.47 14.50
C GLU A 515 -2.25 -7.32 13.58
N SER A 516 -1.57 -7.21 12.41
CA SER A 516 -1.87 -6.12 11.48
C SER A 516 -3.06 -6.40 10.56
N SER A 517 -3.64 -7.60 10.62
CA SER A 517 -4.78 -7.93 9.76
C SER A 517 -6.10 -7.40 10.30
N TRP A 518 -6.17 -6.97 11.58
CA TRP A 518 -7.43 -6.50 12.14
C TRP A 518 -7.33 -5.25 13.02
N TYR A 519 -6.12 -4.69 13.20
CA TYR A 519 -5.92 -3.50 14.03
C TYR A 519 -6.84 -2.33 13.69
N TYR A 520 -7.14 -2.14 12.38
CA TYR A 520 -7.99 -1.08 11.85
C TYR A 520 -9.42 -1.16 12.46
N ALA A 521 -9.88 -2.38 12.76
CA ALA A 521 -11.20 -2.61 13.33
C ALA A 521 -11.13 -2.44 14.86
N ARG A 522 -10.03 -2.88 15.50
CA ARG A 522 -9.87 -2.74 16.93
C ARG A 522 -9.76 -1.26 17.35
N TYR A 523 -9.27 -0.36 16.47
CA TYR A 523 -9.25 1.08 16.80
C TYR A 523 -10.65 1.66 17.00
N THR A 524 -11.71 0.93 16.60
CA THR A 524 -13.09 1.40 16.70
C THR A 524 -13.68 1.15 18.08
N CYS A 525 -13.10 0.22 18.86
CA CYS A 525 -13.55 -0.20 20.19
C CYS A 525 -12.33 -0.75 20.97
N PRO A 526 -11.25 0.07 21.16
CA PRO A 526 -10.01 -0.49 21.71
C PRO A 526 -10.05 -0.92 23.15
N GLN A 527 -11.06 -0.51 23.94
CA GLN A 527 -11.13 -0.96 25.34
C GLN A 527 -12.28 -1.91 25.59
N TYR A 528 -12.88 -2.49 24.52
CA TYR A 528 -13.98 -3.42 24.61
C TYR A 528 -13.45 -4.70 25.17
N LYS A 529 -14.01 -5.12 26.30
CA LYS A 529 -13.56 -6.33 27.01
C LYS A 529 -14.46 -7.52 26.80
N GLU A 530 -15.63 -7.33 26.19
CA GLU A 530 -16.60 -8.41 25.97
C GLU A 530 -16.44 -9.17 24.64
N GLY A 531 -15.49 -8.76 23.83
CA GLY A 531 -15.23 -9.40 22.55
C GLY A 531 -14.15 -8.72 21.76
N MET A 532 -13.78 -9.34 20.62
CA MET A 532 -12.79 -8.81 19.68
C MET A 532 -13.24 -7.47 19.15
N LEU A 533 -14.56 -7.36 18.79
CA LEU A 533 -15.19 -6.14 18.31
C LEU A 533 -16.57 -5.90 18.89
N ASP A 534 -16.95 -4.62 19.04
CA ASP A 534 -18.27 -4.12 19.42
C ASP A 534 -18.81 -3.81 18.02
N SER A 535 -19.71 -4.64 17.53
CA SER A 535 -20.24 -4.50 16.18
C SER A 535 -20.86 -3.15 15.88
N GLU A 536 -21.40 -2.50 16.90
CA GLU A 536 -22.03 -1.21 16.77
C GLU A 536 -21.03 -0.15 16.46
N ALA A 537 -19.90 -0.16 17.20
CA ALA A 537 -18.81 0.77 17.06
C ALA A 537 -18.08 0.49 15.76
N ALA A 538 -17.80 -0.80 15.44
CA ALA A 538 -17.11 -1.18 14.20
C ALA A 538 -17.88 -0.74 12.95
N ASN A 539 -19.18 -1.08 12.83
CA ASN A 539 -20.00 -0.70 11.69
C ASN A 539 -20.27 0.80 11.57
N TYR A 540 -20.13 1.56 12.65
CA TYR A 540 -20.29 3.02 12.61
C TYR A 540 -19.13 3.59 11.83
N TRP A 541 -17.89 3.13 12.12
CA TRP A 541 -16.68 3.64 11.49
C TRP A 541 -16.23 2.93 10.21
N LEU A 542 -16.53 1.65 10.08
CA LEU A 542 -16.09 0.87 8.93
C LEU A 542 -17.08 0.92 7.78
N PRO A 543 -16.60 0.78 6.52
CA PRO A 543 -15.20 0.61 6.13
C PRO A 543 -14.39 1.90 6.26
N VAL A 544 -13.05 1.77 6.37
CA VAL A 544 -12.11 2.90 6.38
C VAL A 544 -12.36 3.76 5.13
N ASP A 545 -12.45 5.08 5.27
CA ASP A 545 -12.66 5.97 4.12
C ASP A 545 -11.44 6.05 3.22
N ILE A 546 -10.27 6.31 3.81
CA ILE A 546 -9.02 6.33 3.06
C ILE A 546 -7.95 5.65 3.90
N TYR A 547 -7.28 4.67 3.31
CA TYR A 547 -6.17 3.94 3.92
C TYR A 547 -4.90 4.45 3.21
N ILE A 548 -3.97 5.04 3.95
CA ILE A 548 -2.74 5.58 3.42
C ILE A 548 -1.56 4.73 3.84
N GLY A 549 -0.90 4.14 2.87
CA GLY A 549 0.23 3.25 3.11
C GLY A 549 1.04 3.06 1.84
N GLY A 550 1.92 2.08 1.82
CA GLY A 550 2.79 1.88 0.67
C GLY A 550 2.40 0.71 -0.21
N ILE A 551 2.67 0.83 -1.52
CA ILE A 551 2.39 -0.22 -2.50
C ILE A 551 3.15 -1.52 -2.21
N GLU A 552 4.30 -1.44 -1.52
CA GLU A 552 5.11 -2.60 -1.15
C GLU A 552 4.36 -3.66 -0.31
N HIS A 553 3.13 -3.33 0.16
CA HIS A 553 2.29 -4.21 0.98
C HIS A 553 1.15 -4.88 0.19
N ALA A 554 1.04 -4.60 -1.13
CA ALA A 554 0.00 -5.05 -2.05
C ALA A 554 -0.49 -6.50 -1.89
N ILE A 555 0.44 -7.47 -1.82
CA ILE A 555 0.08 -8.88 -1.79
C ILE A 555 0.35 -9.57 -0.42
N MET A 556 0.69 -8.78 0.60
CA MET A 556 0.87 -9.31 1.93
C MET A 556 -0.21 -8.64 2.78
N HIS A 557 0.10 -7.63 3.62
CA HIS A 557 -0.90 -6.94 4.43
C HIS A 557 -2.18 -6.55 3.68
N LEU A 558 -2.07 -5.89 2.52
CA LEU A 558 -3.25 -5.41 1.80
C LEU A 558 -4.18 -6.51 1.32
N LEU A 559 -3.72 -7.78 1.35
CA LEU A 559 -4.52 -8.93 0.99
C LEU A 559 -5.00 -9.63 2.28
N TYR A 560 -4.13 -9.79 3.27
CA TYR A 560 -4.51 -10.43 4.54
C TYR A 560 -5.61 -9.65 5.26
N PHE A 561 -5.56 -8.30 5.27
CA PHE A 561 -6.59 -7.54 6.00
C PHE A 561 -7.97 -7.61 5.27
N ARG A 562 -7.96 -7.88 3.93
CA ARG A 562 -9.18 -8.06 3.13
C ARG A 562 -9.82 -9.41 3.48
N PHE A 563 -8.99 -10.44 3.64
CA PHE A 563 -9.40 -11.79 4.02
C PHE A 563 -9.93 -11.75 5.47
N PHE A 564 -9.15 -11.15 6.39
CA PHE A 564 -9.51 -11.02 7.79
C PHE A 564 -10.83 -10.30 7.94
N HIS A 565 -11.08 -9.28 7.14
CA HIS A 565 -12.34 -8.56 7.16
C HIS A 565 -13.52 -9.48 6.87
N LYS A 566 -13.41 -10.31 5.85
CA LYS A 566 -14.41 -11.26 5.43
C LYS A 566 -14.64 -12.34 6.45
N LEU A 567 -13.60 -12.78 7.17
CA LEU A 567 -13.75 -13.79 8.23
C LEU A 567 -14.58 -13.17 9.36
N MET A 568 -14.30 -11.91 9.72
CA MET A 568 -15.02 -11.17 10.73
C MET A 568 -16.45 -10.92 10.31
N ARG A 569 -16.67 -10.63 9.02
CA ARG A 569 -18.01 -10.43 8.47
C ARG A 569 -18.79 -11.74 8.58
N ASP A 570 -18.14 -12.86 8.25
CA ASP A 570 -18.77 -14.15 8.32
C ASP A 570 -18.92 -14.70 9.76
N ALA A 571 -18.29 -14.04 10.75
CA ALA A 571 -18.47 -14.35 12.17
C ALA A 571 -19.56 -13.48 12.81
N GLY A 572 -20.17 -12.55 12.06
CA GLY A 572 -21.20 -11.64 12.54
C GLY A 572 -20.67 -10.34 13.11
N MET A 573 -19.34 -10.22 13.21
CA MET A 573 -18.65 -9.07 13.80
C MET A 573 -18.78 -7.77 13.04
N VAL A 574 -18.76 -7.80 11.70
CA VAL A 574 -18.90 -6.59 10.85
C VAL A 574 -19.96 -6.85 9.78
N ASN A 575 -20.61 -5.79 9.23
CA ASN A 575 -21.65 -6.01 8.22
C ASN A 575 -21.26 -5.54 6.81
N SER A 576 -19.97 -5.42 6.56
CA SER A 576 -19.48 -4.92 5.29
C SER A 576 -18.54 -5.93 4.66
N ASP A 577 -18.43 -5.89 3.33
CA ASP A 577 -17.63 -6.86 2.61
C ASP A 577 -16.16 -6.51 2.58
N GLU A 578 -15.85 -5.22 2.43
CA GLU A 578 -14.48 -4.73 2.31
C GLU A 578 -14.01 -3.81 3.44
N PRO A 579 -12.74 -3.95 3.88
CA PRO A 579 -12.24 -3.09 4.97
C PRO A 579 -11.97 -1.62 4.66
N ALA A 580 -11.56 -1.29 3.42
CA ALA A 580 -11.23 0.09 3.06
C ALA A 580 -11.76 0.49 1.69
N LYS A 581 -12.40 1.66 1.61
CA LYS A 581 -12.96 2.23 0.40
C LYS A 581 -11.85 2.71 -0.58
N GLN A 582 -11.00 3.63 -0.13
CA GLN A 582 -9.92 4.15 -0.96
C GLN A 582 -8.60 3.74 -0.37
N LEU A 583 -7.66 3.32 -1.21
CA LEU A 583 -6.30 2.99 -0.80
C LEU A 583 -5.40 3.99 -1.50
N LEU A 584 -4.67 4.81 -0.73
CA LEU A 584 -3.73 5.79 -1.28
C LEU A 584 -2.32 5.37 -0.95
N CYS A 585 -1.59 5.00 -1.99
CA CYS A 585 -0.20 4.57 -1.91
C CYS A 585 0.77 5.70 -2.11
N GLN A 586 1.38 6.21 -1.05
CA GLN A 586 2.34 7.29 -1.17
C GLN A 586 3.68 6.80 -1.72
N GLY A 587 4.38 7.71 -2.36
CA GLY A 587 5.64 7.37 -2.98
C GLY A 587 6.82 7.44 -2.04
N MET A 588 7.93 6.83 -2.42
CA MET A 588 9.16 6.83 -1.64
C MET A 588 9.73 8.23 -1.52
N VAL A 589 10.48 8.46 -0.43
CA VAL A 589 11.20 9.72 -0.26
C VAL A 589 12.61 9.41 -0.77
N LEU A 590 13.07 10.22 -1.70
CA LEU A 590 14.38 10.07 -2.34
C LEU A 590 15.34 11.12 -1.82
N ALA A 591 16.63 10.80 -1.88
CA ALA A 591 17.71 11.72 -1.52
C ALA A 591 18.90 11.44 -2.46
N ASP A 592 19.78 12.43 -2.64
CA ASP A 592 20.97 12.27 -3.47
C ASP A 592 21.89 11.21 -2.86
N ALA A 593 22.67 10.53 -3.69
CA ALA A 593 23.58 9.50 -3.21
C ALA A 593 24.93 9.64 -3.89
N PHE A 594 26.01 9.61 -3.10
CA PHE A 594 27.39 9.72 -3.57
C PHE A 594 28.22 8.60 -3.01
N TYR A 595 29.27 8.20 -3.74
CA TYR A 595 30.21 7.21 -3.25
C TYR A 595 31.59 7.49 -3.86
N TYR A 596 32.63 7.07 -3.18
CA TYR A 596 33.97 7.11 -3.72
C TYR A 596 34.47 5.69 -3.79
N VAL A 597 35.40 5.41 -4.70
CA VAL A 597 35.99 4.07 -4.78
C VAL A 597 37.27 4.13 -3.95
N GLY A 598 37.38 3.27 -2.96
CA GLY A 598 38.57 3.20 -2.14
C GLY A 598 39.75 2.59 -2.86
N GLU A 599 40.92 2.66 -2.25
CA GLU A 599 42.14 2.09 -2.82
C GLU A 599 42.02 0.58 -3.07
N ASN A 600 41.17 -0.10 -2.28
CA ASN A 600 40.91 -1.51 -2.40
C ASN A 600 39.84 -1.89 -3.43
N GLY A 601 39.34 -0.93 -4.20
CA GLY A 601 38.28 -1.17 -5.18
C GLY A 601 36.87 -1.24 -4.58
N GLU A 602 36.72 -0.89 -3.29
CA GLU A 602 35.45 -0.93 -2.59
C GLU A 602 34.72 0.38 -2.71
N ARG A 603 33.39 0.35 -2.86
CA ARG A 603 32.58 1.58 -2.89
C ARG A 603 32.25 2.02 -1.48
N ASN A 604 32.56 3.26 -1.13
CA ASN A 604 32.24 3.80 0.18
C ASN A 604 31.25 4.91 -0.03
N TRP A 605 30.03 4.74 0.50
CA TRP A 605 28.95 5.69 0.36
C TRP A 605 29.08 6.88 1.28
N VAL A 606 28.92 8.06 0.72
CA VAL A 606 29.08 9.31 1.43
C VAL A 606 27.74 10.00 1.47
N SER A 607 27.40 10.57 2.64
CA SER A 607 26.16 11.32 2.85
C SER A 607 26.20 12.62 2.07
N PRO A 608 25.09 13.03 1.43
CA PRO A 608 25.09 14.29 0.66
C PRO A 608 25.48 15.53 1.43
N VAL A 609 25.24 15.52 2.74
CA VAL A 609 25.65 16.63 3.62
C VAL A 609 27.17 16.78 3.62
N ASP A 610 27.90 15.65 3.58
CA ASP A 610 29.36 15.58 3.58
C ASP A 610 30.01 15.82 2.19
N ALA A 611 29.21 15.95 1.14
CA ALA A 611 29.71 16.18 -0.19
C ALA A 611 29.84 17.66 -0.53
N ILE A 612 31.04 18.09 -0.92
CA ILE A 612 31.32 19.44 -1.35
C ILE A 612 31.15 19.35 -2.85
N VAL A 613 30.10 19.95 -3.40
CA VAL A 613 29.83 19.86 -4.83
C VAL A 613 30.22 21.11 -5.60
N GLU A 614 30.54 20.94 -6.88
CA GLU A 614 30.85 21.99 -7.83
C GLU A 614 29.77 21.91 -8.92
N ARG A 615 29.14 23.04 -9.24
CA ARG A 615 28.06 23.06 -10.22
C ARG A 615 28.39 23.90 -11.45
N ASP A 616 27.77 23.56 -12.59
CA ASP A 616 27.99 24.31 -13.82
C ASP A 616 27.14 25.61 -13.88
N GLU A 617 27.19 26.35 -15.02
CA GLU A 617 26.43 27.59 -15.21
C GLU A 617 24.91 27.37 -14.99
N LYS A 618 24.41 26.15 -15.31
CA LYS A 618 23.01 25.77 -15.16
C LYS A 618 22.71 25.00 -13.87
N GLY A 619 23.57 25.15 -12.86
CA GLY A 619 23.42 24.53 -11.54
C GLY A 619 23.54 23.02 -11.40
N ARG A 620 23.80 22.29 -12.50
CA ARG A 620 23.95 20.83 -12.44
C ARG A 620 25.27 20.45 -11.77
N ILE A 621 25.31 19.33 -11.03
CA ILE A 621 26.55 18.88 -10.38
C ILE A 621 27.57 18.34 -11.41
N VAL A 622 28.75 18.99 -11.50
CA VAL A 622 29.77 18.56 -12.47
C VAL A 622 30.90 17.73 -11.79
N LYS A 623 31.35 18.16 -10.59
CA LYS A 623 32.36 17.48 -9.78
C LYS A 623 31.97 17.52 -8.28
N ALA A 624 32.42 16.54 -7.48
CA ALA A 624 32.10 16.47 -6.06
C ALA A 624 33.22 15.76 -5.27
N LYS A 625 33.53 16.25 -4.07
CA LYS A 625 34.56 15.66 -3.20
C LYS A 625 34.07 15.68 -1.76
N ASP A 626 34.74 14.97 -0.85
CA ASP A 626 34.43 15.02 0.56
C ASP A 626 35.59 15.76 1.30
N ALA A 627 35.42 16.10 2.61
CA ALA A 627 36.49 16.81 3.33
C ALA A 627 37.82 16.04 3.38
N ALA A 628 37.81 14.71 3.27
CA ALA A 628 39.05 13.90 3.22
C ALA A 628 39.77 13.94 1.87
N GLY A 629 39.18 14.54 0.85
CA GLY A 629 39.79 14.63 -0.47
C GLY A 629 39.36 13.60 -1.48
N HIS A 630 38.50 12.65 -1.08
CA HIS A 630 38.04 11.61 -2.02
C HIS A 630 37.17 12.19 -3.12
N GLU A 631 37.39 11.70 -4.35
CA GLU A 631 36.63 12.08 -5.52
C GLU A 631 35.30 11.32 -5.47
N LEU A 632 34.17 12.04 -5.46
CA LEU A 632 32.86 11.42 -5.33
C LEU A 632 32.13 11.22 -6.65
N VAL A 633 31.36 10.15 -6.74
CA VAL A 633 30.54 9.85 -7.89
C VAL A 633 29.08 10.08 -7.46
N TYR A 634 28.44 11.03 -8.10
CA TYR A 634 27.07 11.37 -7.86
C TYR A 634 26.20 10.37 -8.61
N THR A 635 25.28 9.69 -7.94
CA THR A 635 24.39 8.74 -8.58
C THR A 635 22.95 9.24 -8.78
N GLY A 636 22.65 10.45 -8.34
CA GLY A 636 21.33 11.02 -8.49
C GLY A 636 20.42 10.77 -7.31
N MET A 637 19.13 10.97 -7.54
CA MET A 637 18.12 10.79 -6.52
C MET A 637 17.76 9.33 -6.42
N SER A 638 17.84 8.79 -5.23
CA SER A 638 17.52 7.38 -5.01
C SER A 638 16.85 7.20 -3.66
N LYS A 639 16.27 6.02 -3.44
CA LYS A 639 15.61 5.64 -2.19
C LYS A 639 16.57 5.82 -1.01
N MET A 640 16.11 6.44 0.10
CA MET A 640 16.97 6.63 1.27
C MET A 640 17.30 5.30 1.88
N SER A 641 18.55 5.13 2.32
CA SER A 641 19.02 3.85 2.79
C SER A 641 20.21 3.97 3.77
N LYS A 642 20.55 2.86 4.43
CA LYS A 642 21.74 2.81 5.28
C LYS A 642 22.95 2.31 4.42
N SER A 643 22.68 1.49 3.37
CA SER A 643 23.67 1.00 2.43
C SER A 643 24.22 2.20 1.61
N LYS A 644 23.34 3.08 1.11
CA LYS A 644 23.72 4.28 0.37
C LYS A 644 24.11 5.47 1.26
N ASN A 645 23.87 5.36 2.58
CA ASN A 645 24.22 6.36 3.59
C ASN A 645 23.58 7.75 3.40
N ASN A 646 22.42 7.83 2.72
CA ASN A 646 21.77 9.09 2.37
C ASN A 646 20.47 9.39 3.10
N GLY A 647 20.19 8.68 4.20
CA GLY A 647 18.97 8.92 4.95
C GLY A 647 18.94 10.27 5.63
N ILE A 648 17.79 10.91 5.64
CA ILE A 648 17.63 12.20 6.32
C ILE A 648 16.83 11.94 7.58
N ASP A 649 17.32 12.40 8.73
CA ASP A 649 16.62 12.19 9.99
C ASP A 649 15.56 13.26 10.15
N PRO A 650 14.28 12.85 10.18
CA PRO A 650 13.19 13.81 10.35
C PRO A 650 13.29 14.59 11.66
N GLN A 651 13.83 14.00 12.74
CA GLN A 651 14.00 14.70 14.01
C GLN A 651 14.99 15.86 13.89
N VAL A 652 16.03 15.67 13.08
CA VAL A 652 17.02 16.71 12.85
C VAL A 652 16.36 17.90 12.12
N MET A 653 15.46 17.63 11.16
CA MET A 653 14.70 18.59 10.36
C MET A 653 13.60 19.32 11.11
N VAL A 654 12.83 18.62 11.95
CA VAL A 654 11.80 19.21 12.80
C VAL A 654 12.45 20.15 13.81
N GLU A 655 13.60 19.79 14.38
CA GLU A 655 14.30 20.68 15.32
C GLU A 655 14.93 21.87 14.58
N ARG A 656 15.43 21.65 13.37
CA ARG A 656 16.02 22.70 12.57
C ARG A 656 15.02 23.75 12.06
N TYR A 657 13.88 23.33 11.49
CA TYR A 657 12.93 24.24 10.86
C TYR A 657 11.56 24.34 11.49
N GLY A 658 11.22 23.39 12.36
CA GLY A 658 9.90 23.28 12.94
C GLY A 658 9.08 22.26 12.17
N ALA A 659 8.12 21.59 12.82
CA ALA A 659 7.29 20.56 12.17
C ALA A 659 6.48 21.09 11.00
N ASP A 660 5.94 22.31 11.10
CA ASP A 660 5.15 22.87 10.02
C ASP A 660 5.90 23.04 8.68
N THR A 661 7.19 23.45 8.71
CA THR A 661 8.01 23.60 7.51
C THR A 661 8.22 22.22 6.85
N VAL A 662 8.54 21.21 7.67
CA VAL A 662 8.76 19.84 7.21
C VAL A 662 7.47 19.25 6.62
N ARG A 663 6.35 19.49 7.30
CA ARG A 663 5.01 19.05 6.88
C ARG A 663 4.60 19.66 5.54
N LEU A 664 4.75 20.97 5.41
CA LEU A 664 4.41 21.72 4.23
C LEU A 664 5.28 21.34 3.02
N PHE A 665 6.60 21.17 3.21
CA PHE A 665 7.48 20.79 2.11
C PHE A 665 7.10 19.42 1.54
N MET A 666 6.78 18.47 2.40
CA MET A 666 6.42 17.12 1.96
C MET A 666 5.10 17.07 1.22
N MET A 667 4.16 17.95 1.58
CA MET A 667 2.88 18.02 0.85
C MET A 667 2.97 18.82 -0.45
N PHE A 668 3.95 19.75 -0.52
CA PHE A 668 4.15 20.61 -1.66
C PHE A 668 5.05 20.06 -2.73
N ALA A 669 6.19 19.46 -2.36
CA ALA A 669 7.16 19.05 -3.37
C ALA A 669 6.64 18.17 -4.48
N SER A 670 5.66 17.31 -4.19
CA SER A 670 5.25 16.31 -5.16
C SER A 670 3.82 15.87 -4.91
N PRO A 671 3.16 15.27 -5.93
CA PRO A 671 1.85 14.63 -5.69
C PRO A 671 2.06 13.43 -4.74
N ALA A 672 1.13 13.18 -3.84
CA ALA A 672 1.22 12.14 -2.84
C ALA A 672 1.61 10.75 -3.36
N ASP A 673 1.10 10.34 -4.52
CA ASP A 673 1.41 9.01 -5.06
C ASP A 673 2.72 8.95 -5.85
N MET A 674 3.38 10.08 -6.08
CA MET A 674 4.66 10.13 -6.81
CA MET A 674 4.66 10.10 -6.79
C MET A 674 5.83 10.18 -5.80
N THR A 675 7.04 9.81 -6.24
CA THR A 675 8.22 9.87 -5.40
C THR A 675 8.53 11.35 -5.00
N LEU A 676 9.09 11.56 -3.80
CA LEU A 676 9.41 12.91 -3.34
C LEU A 676 10.93 13.06 -3.32
N GLU A 677 11.47 14.11 -3.93
CA GLU A 677 12.91 14.34 -3.92
C GLU A 677 13.24 15.28 -2.78
N TRP A 678 13.94 14.80 -1.75
CA TRP A 678 14.28 15.65 -0.60
C TRP A 678 15.31 16.67 -1.01
N GLN A 679 15.00 17.95 -0.82
CA GLN A 679 15.92 19.02 -1.16
C GLN A 679 15.95 19.98 -0.01
N GLU A 680 17.16 20.30 0.47
CA GLU A 680 17.38 21.28 1.54
C GLU A 680 16.87 22.66 1.09
N SER A 681 17.09 23.02 -0.18
CA SER A 681 16.65 24.31 -0.70
C SER A 681 15.13 24.44 -0.68
N GLY A 682 14.44 23.35 -1.03
CA GLY A 682 12.99 23.29 -1.03
C GLY A 682 12.40 23.40 0.36
N VAL A 683 13.07 22.81 1.37
CA VAL A 683 12.63 22.90 2.77
C VAL A 683 12.82 24.34 3.27
N GLU A 684 13.94 25.00 2.87
CA GLU A 684 14.20 26.40 3.27
C GLU A 684 13.19 27.35 2.61
N GLY A 685 12.78 27.04 1.37
CA GLY A 685 11.78 27.80 0.63
C GLY A 685 10.44 27.78 1.33
N ALA A 686 10.06 26.60 1.85
CA ALA A 686 8.83 26.38 2.62
C ALA A 686 8.91 27.14 3.96
N ASN A 687 10.08 27.18 4.57
CA ASN A 687 10.29 27.91 5.80
C ASN A 687 10.11 29.40 5.59
N ARG A 688 10.65 29.92 4.46
CA ARG A 688 10.53 31.32 4.08
C ARG A 688 9.08 31.71 3.80
N PHE A 689 8.31 30.81 3.17
CA PHE A 689 6.89 31.03 2.90
C PHE A 689 6.11 31.19 4.19
N LEU A 690 6.33 30.32 5.20
CA LEU A 690 5.63 30.44 6.50
C LEU A 690 5.98 31.74 7.24
N LYS A 691 7.23 32.21 7.08
CA LYS A 691 7.66 33.48 7.64
C LYS A 691 6.94 34.67 6.93
N ARG A 692 6.65 34.53 5.62
CA ARG A 692 5.94 35.56 4.86
C ARG A 692 4.47 35.61 5.31
N VAL A 693 3.87 34.46 5.59
CA VAL A 693 2.51 34.37 6.10
C VAL A 693 2.47 35.01 7.50
N TRP A 694 3.47 34.73 8.34
CA TRP A 694 3.57 35.32 9.66
C TRP A 694 3.70 36.85 9.57
N LYS A 695 4.59 37.37 8.70
CA LYS A 695 4.85 38.78 8.47
C LYS A 695 3.61 39.55 8.04
N LEU A 696 2.81 38.95 7.15
CA LEU A 696 1.57 39.59 6.69
C LEU A 696 0.55 39.68 7.83
N VAL A 697 0.48 38.68 8.71
CA VAL A 697 -0.44 38.70 9.85
C VAL A 697 0.10 39.64 10.96
N TYR A 698 1.42 39.72 11.12
CA TYR A 698 2.04 40.57 12.13
C TYR A 698 1.72 42.03 11.82
N GLU A 699 1.93 42.44 10.58
CA GLU A 699 1.68 43.79 10.15
C GLU A 699 0.21 44.13 10.19
N HIS A 700 -0.65 43.20 9.76
CA HIS A 700 -2.10 43.41 9.76
C HIS A 700 -2.66 43.62 11.17
N THR A 701 -2.31 42.73 12.11
CA THR A 701 -2.80 42.83 13.47
C THR A 701 -2.19 44.04 14.20
N ALA A 702 -0.96 44.47 13.82
CA ALA A 702 -0.33 45.66 14.43
C ALA A 702 -1.13 46.95 14.19
N LYS A 703 -2.03 46.94 13.19
CA LYS A 703 -2.91 48.05 12.85
C LYS A 703 -4.28 47.99 13.59
N GLY A 704 -4.37 47.17 14.63
CA GLY A 704 -5.56 47.04 15.47
C GLY A 704 -6.76 46.36 14.86
N ASP A 705 -7.94 46.56 15.49
CA ASP A 705 -9.22 46.00 15.05
C ASP A 705 -9.65 46.52 13.69
N VAL A 706 -10.43 45.73 12.98
CA VAL A 706 -10.91 46.08 11.65
C VAL A 706 -12.41 46.41 11.65
N ALA A 707 -12.86 47.14 10.64
CA ALA A 707 -14.27 47.49 10.52
C ALA A 707 -15.07 46.36 9.80
N ALA A 708 -16.41 46.41 9.82
CA ALA A 708 -17.23 45.41 9.12
C ALA A 708 -17.11 45.68 7.60
N LEU A 709 -16.99 44.61 6.80
CA LEU A 709 -16.84 44.74 5.37
C LEU A 709 -18.17 44.94 4.68
N ASN A 710 -18.22 45.87 3.72
CA ASN A 710 -19.44 46.13 2.98
C ASN A 710 -19.22 45.81 1.51
N VAL A 711 -19.73 44.66 1.06
CA VAL A 711 -19.61 44.16 -0.31
C VAL A 711 -20.28 45.10 -1.32
N ASP A 712 -21.35 45.78 -0.91
CA ASP A 712 -22.06 46.72 -1.78
C ASP A 712 -21.22 47.97 -2.06
N ALA A 713 -20.38 48.40 -1.10
CA ALA A 713 -19.53 49.57 -1.29
C ALA A 713 -18.07 49.26 -1.67
N LEU A 714 -17.83 48.17 -2.44
CA LEU A 714 -16.47 47.80 -2.81
C LEU A 714 -15.96 48.43 -4.11
N THR A 715 -14.68 48.81 -4.14
CA THR A 715 -14.01 49.37 -5.30
C THR A 715 -13.76 48.28 -6.35
N GLU A 716 -13.66 48.62 -7.64
CA GLU A 716 -13.39 47.67 -8.73
C GLU A 716 -12.15 46.79 -8.44
N ASN A 717 -11.13 47.36 -7.76
CA ASN A 717 -9.91 46.67 -7.38
C ASN A 717 -10.19 45.72 -6.20
N GLN A 718 -10.95 46.22 -5.20
CA GLN A 718 -11.31 45.49 -3.98
C GLN A 718 -12.17 44.28 -4.24
N LYS A 719 -12.99 44.32 -5.31
CA LYS A 719 -13.86 43.23 -5.73
C LYS A 719 -13.07 42.18 -6.49
N ALA A 720 -12.09 42.60 -7.30
CA ALA A 720 -11.28 41.66 -8.06
C ALA A 720 -10.33 40.90 -7.15
N LEU A 721 -9.80 41.57 -6.13
CA LEU A 721 -8.95 40.92 -5.14
C LEU A 721 -9.76 39.91 -4.33
N ARG A 722 -11.03 40.27 -3.98
CA ARG A 722 -11.95 39.40 -3.24
C ARG A 722 -12.35 38.20 -4.08
N ARG A 723 -12.51 38.39 -5.39
CA ARG A 723 -12.85 37.30 -6.29
C ARG A 723 -11.72 36.26 -6.32
N ASP A 724 -10.46 36.70 -6.25
CA ASP A 724 -9.30 35.82 -6.23
C ASP A 724 -9.22 35.07 -4.90
N VAL A 725 -9.61 35.70 -3.79
CA VAL A 725 -9.64 35.05 -2.49
C VAL A 725 -10.64 33.86 -2.52
N HIS A 726 -11.83 34.10 -3.08
CA HIS A 726 -12.92 33.13 -3.15
C HIS A 726 -12.70 32.08 -4.21
N LYS A 727 -12.08 32.43 -5.34
CA LYS A 727 -11.75 31.44 -6.37
C LYS A 727 -10.65 30.49 -5.86
N THR A 728 -9.75 30.98 -4.99
CA THR A 728 -8.70 30.20 -4.35
C THR A 728 -9.35 29.23 -3.37
N ILE A 729 -10.27 29.71 -2.53
CA ILE A 729 -11.03 28.86 -1.59
C ILE A 729 -11.67 27.65 -2.30
N ALA A 730 -12.29 27.90 -3.46
CA ALA A 730 -12.93 26.86 -4.26
C ALA A 730 -11.92 25.91 -4.85
N LYS A 731 -10.79 26.42 -5.35
CA LYS A 731 -9.78 25.56 -5.94
C LYS A 731 -9.12 24.68 -4.90
N VAL A 732 -8.71 25.25 -3.78
CA VAL A 732 -8.09 24.51 -2.67
C VAL A 732 -9.04 23.44 -2.14
N THR A 733 -10.34 23.72 -2.11
CA THR A 733 -11.38 22.78 -1.65
C THR A 733 -11.52 21.57 -2.56
N ASP A 734 -11.40 21.81 -3.86
CA ASP A 734 -11.49 20.73 -4.83
C ASP A 734 -10.17 19.92 -4.92
N ASP A 735 -9.02 20.60 -4.78
CA ASP A 735 -7.72 19.96 -4.84
C ASP A 735 -7.51 19.07 -3.61
N ILE A 736 -7.88 19.52 -2.40
CA ILE A 736 -7.73 18.71 -1.21
C ILE A 736 -8.77 17.59 -1.10
N GLY A 737 -10.04 17.95 -1.30
CA GLY A 737 -11.13 17.02 -1.11
C GLY A 737 -11.37 16.01 -2.20
N ARG A 738 -11.54 16.49 -3.45
CA ARG A 738 -11.85 15.61 -4.55
C ARG A 738 -10.62 15.06 -5.26
N ARG A 739 -9.71 15.94 -5.69
CA ARG A 739 -8.54 15.49 -6.45
C ARG A 739 -7.38 14.90 -5.62
N GLN A 740 -7.30 15.27 -4.33
CA GLN A 740 -6.21 14.88 -3.43
C GLN A 740 -4.83 15.33 -3.96
N THR A 741 -4.81 16.49 -4.62
CA THR A 741 -3.62 17.12 -5.19
C THR A 741 -3.21 18.24 -4.25
N PHE A 742 -2.55 17.88 -3.15
CA PHE A 742 -2.12 18.81 -2.10
C PHE A 742 -1.06 19.82 -2.60
N ASN A 743 -0.25 19.43 -3.59
CA ASN A 743 0.78 20.31 -4.12
C ASN A 743 0.18 21.50 -4.87
N THR A 744 -0.82 21.24 -5.75
CA THR A 744 -1.51 22.30 -6.48
C THR A 744 -2.35 23.21 -5.54
N ALA A 745 -2.87 22.63 -4.46
CA ALA A 745 -3.64 23.34 -3.45
C ALA A 745 -2.73 24.28 -2.66
N ILE A 746 -1.50 23.87 -2.32
CA ILE A 746 -0.53 24.73 -1.62
C ILE A 746 -0.01 25.84 -2.58
N ALA A 747 0.14 25.51 -3.86
CA ALA A 747 0.59 26.44 -4.88
C ALA A 747 -0.42 27.56 -5.04
N ALA A 748 -1.74 27.21 -5.03
CA ALA A 748 -2.86 28.16 -5.13
C ALA A 748 -2.87 29.12 -3.95
N ILE A 749 -2.51 28.65 -2.73
CA ILE A 749 -2.43 29.45 -1.52
C ILE A 749 -1.21 30.37 -1.61
N MET A 750 -0.08 29.85 -2.13
CA MET A 750 1.13 30.68 -2.31
C MET A 750 0.85 31.80 -3.32
N GLU A 751 0.19 31.48 -4.44
CA GLU A 751 -0.19 32.45 -5.46
C GLU A 751 -1.05 33.56 -4.86
N LEU A 752 -2.00 33.21 -4.00
CA LEU A 752 -2.88 34.19 -3.35
C LEU A 752 -2.10 35.02 -2.32
N MET A 753 -1.15 34.40 -1.63
CA MET A 753 -0.32 35.11 -0.67
C MET A 753 0.54 36.18 -1.32
N ASN A 754 0.99 35.91 -2.55
CA ASN A 754 1.76 36.83 -3.37
C ASN A 754 0.92 38.07 -3.69
N LYS A 755 -0.39 37.89 -3.99
CA LYS A 755 -1.32 38.97 -4.27
C LYS A 755 -1.65 39.79 -3.02
N LEU A 756 -1.86 39.12 -1.87
CA LEU A 756 -2.21 39.79 -0.62
C LEU A 756 -1.08 40.67 -0.13
N ALA A 757 0.18 40.25 -0.34
CA ALA A 757 1.35 41.04 0.06
C ALA A 757 1.49 42.33 -0.76
N LYS A 758 0.82 42.44 -1.92
CA LYS A 758 0.86 43.62 -2.78
C LYS A 758 -0.32 44.58 -2.52
N ALA A 759 -1.41 44.09 -1.92
CA ALA A 759 -2.62 44.87 -1.64
C ALA A 759 -2.43 46.03 -0.65
N PRO A 760 -3.15 47.16 -0.85
CA PRO A 760 -3.03 48.27 0.11
C PRO A 760 -3.70 47.92 1.44
N THR A 761 -3.12 48.38 2.55
CA THR A 761 -3.68 48.05 3.88
C THR A 761 -4.01 49.30 4.73
N ASP A 762 -4.16 50.46 4.09
CA ASP A 762 -4.56 51.69 4.75
C ASP A 762 -5.96 51.98 4.23
N GLY A 763 -6.92 52.08 5.13
CA GLY A 763 -8.31 52.30 4.74
C GLY A 763 -9.20 51.22 5.32
N GLU A 764 -10.32 51.63 5.92
CA GLU A 764 -11.29 50.75 6.58
C GLU A 764 -11.60 49.43 5.84
N GLN A 765 -11.94 49.53 4.54
CA GLN A 765 -12.31 48.38 3.72
C GLN A 765 -11.14 47.59 3.19
N ASP A 766 -9.95 48.20 3.12
CA ASP A 766 -8.74 47.47 2.73
C ASP A 766 -8.40 46.50 3.86
N ARG A 767 -8.46 46.96 5.11
CA ARG A 767 -8.20 46.19 6.32
C ARG A 767 -9.30 45.16 6.61
N ALA A 768 -10.53 45.42 6.19
CA ALA A 768 -11.63 44.49 6.38
C ALA A 768 -11.54 43.37 5.34
N LEU A 769 -11.08 43.67 4.11
CA LEU A 769 -10.94 42.66 3.07
C LEU A 769 -9.78 41.74 3.44
N MET A 770 -8.65 42.35 3.88
CA MET A 770 -7.45 41.63 4.33
C MET A 770 -7.74 40.72 5.52
N GLN A 771 -8.74 41.06 6.33
CA GLN A 771 -9.16 40.25 7.48
C GLN A 771 -9.84 38.99 6.95
N GLU A 772 -10.78 39.15 5.99
CA GLU A 772 -11.49 38.04 5.37
C GLU A 772 -10.53 37.12 4.63
N ALA A 773 -9.49 37.68 4.00
CA ALA A 773 -8.50 36.89 3.29
C ALA A 773 -7.57 36.14 4.24
N LEU A 774 -7.05 36.80 5.28
CA LEU A 774 -6.15 36.16 6.24
C LEU A 774 -6.85 35.10 7.11
N LEU A 775 -8.16 35.28 7.40
CA LEU A 775 -8.89 34.25 8.14
C LEU A 775 -9.10 33.03 7.21
N ALA A 776 -9.29 33.24 5.89
CA ALA A 776 -9.47 32.16 4.94
C ALA A 776 -8.17 31.39 4.68
N VAL A 777 -7.04 32.13 4.46
CA VAL A 777 -5.70 31.62 4.16
C VAL A 777 -5.22 30.76 5.29
N VAL A 778 -5.28 31.27 6.54
CA VAL A 778 -4.85 30.55 7.73
C VAL A 778 -5.60 29.23 7.89
N ARG A 779 -6.89 29.21 7.54
CA ARG A 779 -7.74 28.00 7.60
C ARG A 779 -7.39 27.02 6.48
N MET A 780 -7.07 27.51 5.27
CA MET A 780 -6.68 26.66 4.13
C MET A 780 -5.29 26.05 4.34
N LEU A 781 -4.40 26.75 5.04
CA LEU A 781 -3.07 26.26 5.37
C LEU A 781 -3.12 25.32 6.59
N ASN A 782 -4.11 25.48 7.50
CA ASN A 782 -4.25 24.71 8.73
C ASN A 782 -4.05 23.17 8.58
N PRO A 783 -4.61 22.45 7.58
CA PRO A 783 -4.37 20.99 7.51
C PRO A 783 -2.89 20.64 7.33
N PHE A 784 -2.13 21.48 6.65
CA PHE A 784 -0.70 21.28 6.38
C PHE A 784 0.20 21.74 7.53
N THR A 785 -0.11 22.92 8.09
CA THR A 785 0.70 23.59 9.09
C THR A 785 -0.18 24.01 10.23
N PRO A 786 -0.65 23.05 11.03
CA PRO A 786 -1.60 23.37 12.09
C PRO A 786 -1.10 24.18 13.27
N HIS A 787 0.21 24.19 13.57
CA HIS A 787 0.71 24.92 14.74
C HIS A 787 0.74 26.43 14.51
N ILE A 788 1.33 26.87 13.37
CA ILE A 788 1.37 28.29 13.03
C ILE A 788 -0.06 28.82 12.78
N CYS A 789 -0.93 28.01 12.19
CA CYS A 789 -2.30 28.38 11.90
C CYS A 789 -3.16 28.47 13.14
N PHE A 790 -2.87 27.64 14.16
CA PHE A 790 -3.56 27.69 15.44
C PHE A 790 -3.31 29.06 16.08
N THR A 791 -2.05 29.48 16.08
CA THR A 791 -1.56 30.74 16.62
C THR A 791 -2.02 31.96 15.81
N LEU A 792 -1.88 31.92 14.48
CA LEU A 792 -2.30 33.03 13.63
C LEU A 792 -3.80 33.28 13.70
N TRP A 793 -4.63 32.25 13.92
CA TRP A 793 -6.09 32.38 14.01
C TRP A 793 -6.48 33.14 15.29
N GLN A 794 -5.70 32.97 16.37
CA GLN A 794 -5.87 33.65 17.63
C GLN A 794 -5.50 35.09 17.48
N GLU A 795 -4.41 35.40 16.76
CA GLU A 795 -3.97 36.78 16.48
C GLU A 795 -5.00 37.54 15.66
N LEU A 796 -5.64 36.86 14.72
CA LEU A 796 -6.69 37.44 13.87
C LEU A 796 -8.09 37.50 14.56
N LYS A 797 -8.18 37.11 15.84
CA LYS A 797 -9.39 37.09 16.66
C LYS A 797 -10.52 36.23 16.06
N GLY A 798 -10.16 35.07 15.53
CA GLY A 798 -11.14 34.15 14.98
C GLY A 798 -11.90 33.44 16.10
N GLU A 799 -13.13 32.98 15.82
CA GLU A 799 -13.93 32.32 16.84
C GLU A 799 -13.46 30.90 17.22
N GLY A 800 -13.16 30.71 18.50
CA GLY A 800 -12.72 29.44 19.04
C GLY A 800 -11.38 28.97 18.51
N ASP A 801 -11.13 27.65 18.62
CA ASP A 801 -9.89 27.06 18.13
C ASP A 801 -10.04 26.75 16.65
N ILE A 802 -9.00 27.02 15.83
CA ILE A 802 -9.00 26.76 14.40
C ILE A 802 -9.27 25.27 14.04
N ASP A 803 -9.06 24.35 14.99
CA ASP A 803 -9.36 22.94 14.78
C ASP A 803 -10.88 22.72 14.66
N ASN A 804 -11.68 23.52 15.39
CA ASN A 804 -13.15 23.51 15.40
C ASN A 804 -13.76 24.59 14.49
N ALA A 805 -12.97 25.36 13.78
CA ALA A 805 -13.43 26.40 12.87
C ALA A 805 -13.95 25.75 11.61
N PRO A 806 -14.94 26.36 10.94
CA PRO A 806 -15.43 25.76 9.70
C PRO A 806 -14.48 26.01 8.53
N TRP A 807 -14.47 25.09 7.56
CA TRP A 807 -13.64 25.22 6.38
C TRP A 807 -14.19 26.38 5.56
N PRO A 808 -13.33 27.25 5.01
CA PRO A 808 -13.83 28.38 4.24
C PRO A 808 -14.70 27.97 3.05
N VAL A 809 -15.84 28.64 2.91
CA VAL A 809 -16.78 28.40 1.82
C VAL A 809 -16.72 29.61 0.88
N ALA A 810 -16.67 29.36 -0.43
CA ALA A 810 -16.60 30.42 -1.42
C ALA A 810 -17.97 31.06 -1.68
N ASP A 811 -18.03 32.39 -1.52
CA ASP A 811 -19.25 33.17 -1.74
C ASP A 811 -19.47 33.18 -3.24
N GLU A 812 -20.57 32.56 -3.69
CA GLU A 812 -20.87 32.45 -5.12
C GLU A 812 -21.08 33.83 -5.76
N LYS A 813 -21.66 34.78 -5.00
CA LYS A 813 -21.87 36.16 -5.48
C LYS A 813 -20.55 36.92 -5.62
N ALA A 814 -19.54 36.56 -4.84
CA ALA A 814 -18.22 37.20 -4.92
C ALA A 814 -17.40 36.74 -6.14
N MET A 815 -17.77 35.61 -6.76
CA MET A 815 -17.03 35.09 -7.91
C MET A 815 -17.73 35.29 -9.25
N VAL A 816 -18.70 36.21 -9.32
CA VAL A 816 -19.39 36.47 -10.58
C VAL A 816 -18.49 37.37 -11.44
N GLU A 817 -17.87 36.78 -12.46
CA GLU A 817 -17.02 37.56 -13.36
C GLU A 817 -17.98 38.23 -14.34
N ASP A 818 -17.92 39.58 -14.47
CA ASP A 818 -18.83 40.27 -15.40
C ASP A 818 -18.38 40.17 -16.87
N SER A 819 -17.12 39.81 -17.10
CA SER A 819 -16.58 39.63 -18.43
C SER A 819 -15.62 38.42 -18.46
N THR A 820 -15.35 37.91 -19.66
CA THR A 820 -14.46 36.78 -19.85
C THR A 820 -13.49 37.04 -21.01
N LEU A 821 -12.35 36.35 -21.02
CA LEU A 821 -11.34 36.46 -22.06
C LEU A 821 -11.57 35.37 -23.11
N VAL A 822 -11.61 35.78 -24.40
CA VAL A 822 -11.74 34.87 -25.53
C VAL A 822 -10.44 34.91 -26.32
N VAL A 823 -9.78 33.77 -26.44
CA VAL A 823 -8.55 33.68 -27.22
C VAL A 823 -8.98 33.54 -28.68
N VAL A 824 -8.63 34.52 -29.52
CA VAL A 824 -9.02 34.51 -30.92
C VAL A 824 -7.95 33.87 -31.76
N GLN A 825 -8.29 32.74 -32.40
CA GLN A 825 -7.35 32.03 -33.25
C GLN A 825 -7.79 32.06 -34.71
N VAL A 826 -6.81 32.07 -35.61
CA VAL A 826 -7.02 32.01 -37.04
C VAL A 826 -6.08 30.88 -37.47
N ASN A 827 -6.64 29.73 -37.87
CA ASN A 827 -5.91 28.53 -38.27
C ASN A 827 -5.15 27.88 -37.09
N GLY A 828 -5.64 28.07 -35.87
CA GLY A 828 -5.01 27.50 -34.68
C GLY A 828 -3.97 28.36 -34.00
N LYS A 829 -3.29 29.23 -34.76
CA LYS A 829 -2.27 30.11 -34.18
C LYS A 829 -2.96 31.31 -33.55
N VAL A 830 -2.70 31.53 -32.26
CA VAL A 830 -3.32 32.66 -31.55
C VAL A 830 -2.87 33.98 -32.16
N ARG A 831 -3.83 34.83 -32.52
CA ARG A 831 -3.56 36.14 -33.10
C ARG A 831 -4.13 37.27 -32.23
N ALA A 832 -5.15 37.00 -31.41
CA ALA A 832 -5.77 38.03 -30.57
C ALA A 832 -6.29 37.49 -29.21
N LYS A 833 -6.57 38.41 -28.25
CA LYS A 833 -7.13 38.11 -26.94
C LYS A 833 -8.12 39.24 -26.68
N ILE A 834 -9.44 38.94 -26.64
CA ILE A 834 -10.45 39.98 -26.43
C ILE A 834 -11.27 39.76 -25.16
N THR A 835 -11.88 40.83 -24.64
CA THR A 835 -12.70 40.75 -23.43
C THR A 835 -14.16 41.01 -23.78
N VAL A 836 -15.01 40.00 -23.61
CA VAL A 836 -16.44 40.15 -23.92
C VAL A 836 -17.32 39.91 -22.67
N PRO A 837 -18.55 40.47 -22.60
CA PRO A 837 -19.40 40.21 -21.42
C PRO A 837 -19.78 38.73 -21.33
N VAL A 838 -19.88 38.19 -20.11
CA VAL A 838 -20.21 36.77 -19.90
C VAL A 838 -21.60 36.35 -20.45
N ASP A 839 -22.50 37.34 -20.65
CA ASP A 839 -23.83 37.11 -21.19
C ASP A 839 -23.92 37.31 -22.73
N ALA A 840 -22.80 37.63 -23.39
CA ALA A 840 -22.77 37.90 -24.83
C ALA A 840 -23.08 36.68 -25.68
N THR A 841 -23.77 36.93 -26.80
CA THR A 841 -24.11 35.90 -27.77
C THR A 841 -22.89 35.61 -28.69
N GLU A 842 -22.96 34.56 -29.53
CA GLU A 842 -21.86 34.25 -30.45
C GLU A 842 -21.69 35.36 -31.49
N GLU A 843 -22.83 35.97 -31.92
CA GLU A 843 -22.84 37.07 -32.89
C GLU A 843 -22.07 38.27 -32.34
N GLN A 844 -22.29 38.60 -31.06
CA GLN A 844 -21.63 39.72 -30.38
C GLN A 844 -20.13 39.47 -30.25
N VAL A 845 -19.74 38.23 -29.95
CA VAL A 845 -18.34 37.83 -29.80
C VAL A 845 -17.63 37.83 -31.16
N ARG A 846 -18.34 37.49 -32.24
CA ARG A 846 -17.73 37.45 -33.58
C ARG A 846 -17.60 38.84 -34.19
N GLU A 847 -18.57 39.73 -33.91
CA GLU A 847 -18.55 41.11 -34.35
C GLU A 847 -17.35 41.81 -33.68
N ARG A 848 -17.19 41.64 -32.34
CA ARG A 848 -16.10 42.19 -31.53
C ARG A 848 -14.73 41.62 -31.97
N ALA A 849 -14.71 40.34 -32.36
CA ALA A 849 -13.49 39.70 -32.85
C ALA A 849 -13.09 40.32 -34.19
N GLY A 850 -14.06 40.57 -35.08
CA GLY A 850 -13.83 41.15 -36.38
C GLY A 850 -13.36 42.59 -36.32
N GLN A 851 -13.79 43.33 -35.29
CA GLN A 851 -13.40 44.72 -35.06
C GLN A 851 -11.89 44.85 -34.74
N GLU A 852 -11.24 43.76 -34.29
CA GLU A 852 -9.82 43.77 -33.98
C GLU A 852 -9.03 43.80 -35.29
N HIS A 853 -8.08 44.74 -35.42
CA HIS A 853 -7.30 44.95 -36.63
C HIS A 853 -6.43 43.76 -37.05
N LEU A 854 -5.75 43.10 -36.10
CA LEU A 854 -4.90 41.94 -36.43
C LEU A 854 -5.73 40.72 -36.86
N VAL A 855 -6.99 40.61 -36.37
CA VAL A 855 -7.91 39.55 -36.75
C VAL A 855 -8.30 39.79 -38.21
N ALA A 856 -8.68 41.05 -38.54
CA ALA A 856 -9.09 41.52 -39.86
C ALA A 856 -8.01 41.33 -40.94
N LYS A 857 -6.73 41.31 -40.55
CA LYS A 857 -5.63 41.10 -41.50
C LYS A 857 -5.59 39.67 -42.03
N TYR A 858 -5.97 38.69 -41.20
CA TYR A 858 -5.93 37.29 -41.59
C TYR A 858 -7.25 36.76 -42.20
N VAL A 867 -14.99 27.86 -38.44
CA VAL A 867 -15.71 28.62 -37.42
C VAL A 867 -16.09 27.77 -36.20
N ILE A 868 -15.18 27.68 -35.23
CA ILE A 868 -15.38 26.92 -34.00
C ILE A 868 -15.46 27.90 -32.83
N TYR A 869 -16.53 27.83 -32.03
CA TYR A 869 -16.69 28.76 -30.90
C TYR A 869 -16.98 28.02 -29.59
N VAL A 870 -16.17 28.31 -28.55
CA VAL A 870 -16.34 27.75 -27.21
C VAL A 870 -16.78 28.91 -26.34
N PRO A 871 -18.00 28.87 -25.80
CA PRO A 871 -18.47 30.00 -24.98
C PRO A 871 -17.50 30.46 -23.88
N GLY A 872 -17.09 31.73 -23.96
CA GLY A 872 -16.19 32.38 -23.03
C GLY A 872 -14.76 31.89 -22.99
N LYS A 873 -14.27 31.28 -24.09
CA LYS A 873 -12.91 30.74 -24.09
C LYS A 873 -12.18 30.85 -25.43
N LEU A 874 -12.72 30.26 -26.49
CA LEU A 874 -12.03 30.18 -27.78
C LEU A 874 -12.93 30.55 -28.93
N LEU A 875 -12.33 31.00 -30.03
CA LEU A 875 -12.97 31.28 -31.30
C LEU A 875 -11.91 31.06 -32.36
N ASN A 876 -11.94 29.91 -33.04
CA ASN A 876 -10.97 29.58 -34.07
C ASN A 876 -11.60 29.74 -35.46
N LEU A 877 -10.81 30.24 -36.43
CA LEU A 877 -11.27 30.47 -37.80
C LEU A 877 -10.29 29.87 -38.81
N VAL A 878 -10.67 28.76 -39.47
CA VAL A 878 -9.82 28.11 -40.48
C VAL A 878 -9.72 29.01 -41.73
N VAL A 879 -8.49 29.34 -42.14
CA VAL A 879 -8.18 30.24 -43.26
C VAL A 879 -8.68 29.76 -44.64
N GLY A 880 -9.64 30.50 -45.20
CA GLY A 880 -10.21 30.22 -46.51
C GLY A 880 -10.27 31.42 -47.42
#